data_1SEZ
#
_entry.id   1SEZ
#
_cell.length_a   119.090
_cell.length_b   147.250
_cell.length_c   127.040
_cell.angle_alpha   90.00
_cell.angle_beta   90.00
_cell.angle_gamma   90.00
#
_symmetry.space_group_name_H-M   'C 2 2 21'
#
loop_
_entity.id
_entity.type
_entity.pdbx_description
1 polymer 'Protoporphyrinogen oxidase, mitochondrial'
2 non-polymer 'FLAVIN-ADENINE DINUCLEOTIDE'
3 non-polymer "4-BROMO-3-(5'-CARBOXY-4'-CHLORO-2'-FLUOROPHENYL)-1-METHYL-5-TRIFLUOROMETHYL-PYRAZOL"
4 non-polymer 2-{2-[4-(1,1,3,3-TETRAMETHYLBUTYL)PHENOXY]ETHOXY}ETHANOL
5 water water
#
_entity_poly.entity_id   1
_entity_poly.type   'polypeptide(L)'
_entity_poly.pdbx_seq_one_letter_code
;MAPSAGEDKHSSAKRVAVIGAGVSGLAAAYKLKIHGLNVTVFEAEGKAGGKLRSVSQDGLIWDEGANT(MSE)TESEGDV
TFLIDSLGLREKQQFPLSQNKRYIARNGTPVLLPSNPIDLIKSNFLSTGSKLQ(MSE)LLEPILWKNKKLSQVSDSHESV
SGFFQRHFGKEVVDYLIDPFVAGTCGGDPDSLS(MSE)HHSFPELWNLEKRFGSVILGAIRSKLSPKNEKKQGPPKTSAN
KKRQRGSFSFLGG(MSE)QTLTDAICKDLREDELRLNSRVLELSCSCTEDSAIDSWSIISASPHKRQSEEESFDAVI
(MSE)TAPLCDVKS(MSE)KIAKRGNPFLLNFIPEVDYVPLSVVITTFKRENVKYPLEGFGVLVPSKEQQHGLKTLGTLF
SS(MSE)(MSE)FPDRAPNNVYLYTTFVGGSRNRELAKASRTELKEIVTSDLKQLLGAEGEPTYVNHLYWSKAFPLYGHN
YDSVLDAIDK(MSE)EKNLPGLFYAGNHRGGLSVGKALSSGCNAADLVISYLESVSTDSKRHC
;
_entity_poly.pdbx_strand_id   A,B
#
# COMPACT_ATOMS: atom_id res chain seq x y z
N ALA A 13 -18.52 -11.09 -45.20
CA ALA A 13 -17.73 -11.99 -44.31
C ALA A 13 -16.20 -11.84 -44.48
N LYS A 14 -15.57 -11.22 -43.47
CA LYS A 14 -14.13 -11.01 -43.48
C LYS A 14 -13.46 -12.22 -42.86
N ARG A 15 -12.23 -12.49 -43.30
CA ARG A 15 -11.44 -13.62 -42.82
C ARG A 15 -10.06 -13.14 -42.36
N VAL A 16 -9.60 -13.66 -41.24
CA VAL A 16 -8.30 -13.26 -40.72
C VAL A 16 -7.36 -14.45 -40.56
N ALA A 17 -6.16 -14.31 -41.12
CA ALA A 17 -5.14 -15.34 -41.02
C ALA A 17 -4.37 -15.12 -39.73
N VAL A 18 -4.07 -16.20 -39.04
CA VAL A 18 -3.32 -16.14 -37.81
C VAL A 18 -2.17 -17.13 -37.92
N ILE A 19 -0.94 -16.64 -38.03
CA ILE A 19 0.21 -17.52 -38.12
C ILE A 19 0.75 -17.88 -36.72
N GLY A 20 0.66 -19.16 -36.36
CA GLY A 20 1.14 -19.59 -35.06
C GLY A 20 0.02 -19.97 -34.12
N ALA A 21 0.06 -21.19 -33.59
CA ALA A 21 -0.99 -21.64 -32.68
C ALA A 21 -0.50 -21.71 -31.24
N GLY A 22 0.26 -20.69 -30.82
CA GLY A 22 0.76 -20.63 -29.46
C GLY A 22 -0.29 -19.93 -28.64
N VAL A 23 -0.06 -19.75 -27.34
CA VAL A 23 -1.07 -19.08 -26.54
C VAL A 23 -1.44 -17.73 -27.16
N SER A 24 -0.47 -17.03 -27.74
CA SER A 24 -0.75 -15.74 -28.36
C SER A 24 -1.66 -15.79 -29.58
N GLY A 25 -1.42 -16.76 -30.46
CA GLY A 25 -2.23 -16.92 -31.65
C GLY A 25 -3.63 -17.41 -31.34
N LEU A 26 -3.74 -18.29 -30.35
CA LEU A 26 -5.03 -18.84 -29.93
C LEU A 26 -5.85 -17.76 -29.23
N ALA A 27 -5.16 -16.90 -28.50
CA ALA A 27 -5.81 -15.81 -27.79
C ALA A 27 -6.44 -14.90 -28.84
N ALA A 28 -5.62 -14.53 -29.83
CA ALA A 28 -6.04 -13.67 -30.92
C ALA A 28 -7.19 -14.30 -31.72
N ALA A 29 -7.06 -15.58 -32.03
CA ALA A 29 -8.11 -16.29 -32.79
C ALA A 29 -9.45 -16.35 -32.03
N TYR A 30 -9.37 -16.49 -30.70
CA TYR A 30 -10.56 -16.59 -29.85
C TYR A 30 -11.27 -15.26 -29.70
N LYS A 31 -10.49 -14.23 -29.39
CA LYS A 31 -11.03 -12.89 -29.23
C LYS A 31 -11.68 -12.50 -30.56
N LEU A 32 -11.17 -13.06 -31.65
CA LEU A 32 -11.69 -12.79 -32.98
C LEU A 32 -13.02 -13.49 -33.21
N LYS A 33 -13.08 -14.78 -32.96
CA LYS A 33 -14.32 -15.53 -33.17
C LYS A 33 -15.54 -14.98 -32.40
N ILE A 34 -15.37 -14.72 -31.12
CA ILE A 34 -16.46 -14.23 -30.32
C ILE A 34 -16.94 -12.87 -30.78
N HIS A 35 -16.38 -12.40 -31.89
CA HIS A 35 -16.77 -11.11 -32.46
C HIS A 35 -17.17 -11.30 -33.91
N GLY A 36 -17.58 -12.52 -34.25
CA GLY A 36 -18.04 -12.82 -35.59
C GLY A 36 -17.03 -13.28 -36.62
N LEU A 37 -16.00 -12.48 -36.82
CA LEU A 37 -14.94 -12.77 -37.78
C LEU A 37 -14.55 -14.26 -37.88
N ASN A 38 -14.60 -14.78 -39.10
CA ASN A 38 -14.24 -16.16 -39.41
C ASN A 38 -12.71 -16.21 -39.39
N VAL A 39 -12.15 -17.21 -38.71
CA VAL A 39 -10.70 -17.31 -38.58
C VAL A 39 -10.09 -18.61 -39.04
N THR A 40 -8.82 -18.54 -39.46
CA THR A 40 -8.06 -19.70 -39.89
C THR A 40 -6.71 -19.60 -39.20
N VAL A 41 -6.27 -20.68 -38.57
CA VAL A 41 -5.00 -20.66 -37.86
C VAL A 41 -3.98 -21.65 -38.40
N PHE A 42 -2.88 -21.14 -38.92
CA PHE A 42 -1.85 -22.02 -39.42
C PHE A 42 -0.85 -22.37 -38.34
N GLU A 43 -0.60 -23.66 -38.18
CA GLU A 43 0.36 -24.14 -37.20
C GLU A 43 1.43 -25.05 -37.82
N ALA A 44 2.69 -24.62 -37.77
CA ALA A 44 3.77 -25.40 -38.33
C ALA A 44 3.91 -26.80 -37.69
N GLU A 45 3.79 -26.87 -36.38
CA GLU A 45 3.92 -28.12 -35.65
C GLU A 45 2.70 -29.05 -35.77
N GLY A 46 2.86 -30.28 -35.28
CA GLY A 46 1.79 -31.26 -35.33
C GLY A 46 0.75 -31.10 -34.23
N LYS A 47 1.13 -30.41 -33.16
CA LYS A 47 0.22 -30.16 -32.06
C LYS A 47 0.00 -28.67 -31.91
N ALA A 48 -1.17 -28.30 -31.40
CA ALA A 48 -1.55 -26.91 -31.21
C ALA A 48 -0.80 -26.20 -30.09
N GLY A 49 -0.65 -26.83 -28.93
CA GLY A 49 0.05 -26.14 -27.86
C GLY A 49 1.21 -25.27 -28.37
N GLY A 50 1.49 -24.14 -27.74
CA GLY A 50 2.60 -23.33 -28.23
C GLY A 50 3.83 -23.77 -27.46
N LYS A 51 4.34 -22.87 -26.63
CA LYS A 51 5.46 -23.16 -25.76
C LYS A 51 4.78 -23.83 -24.57
N LEU A 52 3.45 -23.94 -24.63
CA LEU A 52 2.69 -24.62 -23.58
C LEU A 52 2.60 -26.07 -24.07
N ARG A 53 3.25 -26.98 -23.34
CA ARG A 53 3.29 -28.38 -23.76
C ARG A 53 3.31 -29.39 -22.60
N SER A 54 2.12 -29.83 -22.16
CA SER A 54 2.03 -30.79 -21.05
C SER A 54 2.07 -32.24 -21.53
N VAL A 55 2.69 -33.11 -20.74
CA VAL A 55 2.78 -34.52 -21.11
C VAL A 55 2.31 -35.46 -20.00
N SER A 56 1.61 -36.52 -20.38
CA SER A 56 1.08 -37.49 -19.43
C SER A 56 1.72 -38.86 -19.63
N GLN A 57 2.28 -39.42 -18.57
CA GLN A 57 2.90 -40.71 -18.71
C GLN A 57 2.69 -41.62 -17.52
N ASP A 58 3.65 -42.52 -17.37
CA ASP A 58 3.70 -43.52 -16.31
C ASP A 58 3.55 -42.86 -14.95
N GLY A 59 2.28 -42.61 -14.59
CA GLY A 59 1.96 -42.00 -13.31
C GLY A 59 2.57 -40.64 -13.11
N LEU A 60 2.94 -39.98 -14.20
CA LEU A 60 3.54 -38.66 -14.14
C LEU A 60 2.78 -37.67 -15.00
N ILE A 61 2.86 -36.40 -14.63
CA ILE A 61 2.24 -35.32 -15.38
C ILE A 61 3.27 -34.20 -15.32
N TRP A 62 3.77 -33.78 -16.48
CA TRP A 62 4.75 -32.71 -16.49
C TRP A 62 4.63 -31.76 -17.66
N ASP A 63 5.25 -30.60 -17.50
CA ASP A 63 5.25 -29.57 -18.53
C ASP A 63 6.65 -29.45 -19.10
N GLU A 64 6.76 -29.55 -20.41
CA GLU A 64 8.04 -29.45 -21.08
C GLU A 64 8.32 -28.00 -21.44
N GLY A 65 7.31 -27.16 -21.27
CA GLY A 65 7.47 -25.75 -21.58
C GLY A 65 7.08 -24.92 -20.38
N ALA A 66 6.22 -23.94 -20.58
CA ALA A 66 5.78 -23.12 -19.47
C ALA A 66 5.21 -24.01 -18.36
N ASN A 67 5.64 -23.78 -17.13
CA ASN A 67 5.18 -24.56 -15.99
C ASN A 67 4.14 -23.89 -15.12
N THR A 68 4.16 -22.57 -15.12
CA THR A 68 3.23 -21.82 -14.30
C THR A 68 2.91 -20.51 -15.01
N THR A 70 0.53 -16.42 -14.41
CA THR A 70 -0.12 -15.50 -13.49
C THR A 70 -1.18 -14.71 -14.22
N GLU A 71 -2.10 -14.09 -13.48
CA GLU A 71 -3.09 -13.25 -14.12
C GLU A 71 -2.99 -11.80 -13.66
N SER A 72 -1.88 -11.19 -14.01
CA SER A 72 -1.60 -9.80 -13.69
C SER A 72 -2.11 -8.99 -14.88
N GLU A 73 -2.58 -9.71 -15.89
CA GLU A 73 -3.09 -9.07 -17.09
C GLU A 73 -4.59 -9.24 -17.10
N GLY A 74 -5.30 -8.19 -17.51
CA GLY A 74 -6.75 -8.24 -17.56
C GLY A 74 -7.22 -9.35 -18.48
N ASP A 75 -6.57 -9.44 -19.64
CA ASP A 75 -6.91 -10.44 -20.63
C ASP A 75 -6.82 -11.87 -20.14
N VAL A 76 -5.93 -12.13 -19.18
CA VAL A 76 -5.79 -13.48 -18.65
C VAL A 76 -7.02 -13.85 -17.83
N THR A 77 -7.48 -12.89 -17.01
CA THR A 77 -8.64 -13.10 -16.17
C THR A 77 -9.86 -13.32 -17.05
N PHE A 78 -9.98 -12.47 -18.07
CA PHE A 78 -11.07 -12.56 -19.03
C PHE A 78 -11.11 -13.94 -19.67
N LEU A 79 -10.00 -14.39 -20.22
CA LEU A 79 -9.98 -15.70 -20.86
C LEU A 79 -10.25 -16.85 -19.92
N ILE A 80 -9.67 -16.80 -18.72
CA ILE A 80 -9.90 -17.86 -17.74
C ILE A 80 -11.40 -18.02 -17.52
N ASP A 81 -12.12 -16.90 -17.52
CA ASP A 81 -13.56 -16.94 -17.33
C ASP A 81 -14.33 -17.39 -18.56
N SER A 82 -14.04 -16.79 -19.71
CA SER A 82 -14.73 -17.17 -20.94
C SER A 82 -14.68 -18.65 -21.14
N LEU A 83 -13.48 -19.19 -21.25
CA LEU A 83 -13.32 -20.62 -21.45
C LEU A 83 -13.79 -21.45 -20.25
N GLY A 84 -14.12 -20.75 -19.16
CA GLY A 84 -14.58 -21.40 -17.95
C GLY A 84 -13.56 -22.38 -17.40
N LEU A 85 -12.34 -21.92 -17.13
CA LEU A 85 -11.27 -22.77 -16.61
C LEU A 85 -11.01 -22.64 -15.10
N ARG A 86 -11.79 -21.80 -14.42
CA ARG A 86 -11.64 -21.61 -12.98
C ARG A 86 -11.53 -22.92 -12.19
N GLU A 87 -12.37 -23.89 -12.49
CA GLU A 87 -12.33 -25.17 -11.79
C GLU A 87 -11.04 -25.93 -12.11
N LYS A 88 -10.48 -25.68 -13.29
CA LYS A 88 -9.26 -26.36 -13.68
C LYS A 88 -7.99 -25.64 -13.26
N GLN A 89 -8.15 -24.40 -12.78
CA GLN A 89 -7.02 -23.60 -12.31
C GLN A 89 -6.45 -24.29 -11.08
N GLN A 90 -5.15 -24.55 -11.10
CA GLN A 90 -4.49 -25.23 -9.98
C GLN A 90 -3.34 -24.42 -9.35
N PHE A 91 -3.42 -24.22 -8.04
CA PHE A 91 -2.38 -23.49 -7.33
C PHE A 91 -1.45 -24.46 -6.62
N PRO A 92 -0.25 -24.00 -6.26
CA PRO A 92 0.69 -24.90 -5.58
C PRO A 92 0.22 -25.18 -4.17
N LEU A 93 0.39 -26.41 -3.71
CA LEU A 93 -0.02 -26.78 -2.36
C LEU A 93 1.09 -26.41 -1.39
N SER A 94 2.32 -26.41 -1.89
CA SER A 94 3.47 -26.08 -1.07
C SER A 94 3.60 -24.59 -0.86
N GLN A 95 4.24 -24.22 0.24
CA GLN A 95 4.45 -22.83 0.57
C GLN A 95 5.29 -22.17 -0.51
N ASN A 96 5.15 -20.87 -0.69
CA ASN A 96 5.95 -20.18 -1.70
C ASN A 96 7.27 -19.82 -1.01
N LYS A 97 8.31 -20.59 -1.31
CA LYS A 97 9.62 -20.37 -0.71
C LYS A 97 10.58 -20.82 -1.78
N ARG A 98 11.39 -19.88 -2.27
CA ARG A 98 12.36 -20.18 -3.30
C ARG A 98 13.72 -20.26 -2.62
N TYR A 99 14.66 -20.94 -3.24
CA TYR A 99 16.00 -21.10 -2.69
C TYR A 99 17.02 -20.69 -3.71
N ILE A 100 18.18 -20.25 -3.24
CA ILE A 100 19.23 -19.85 -4.15
C ILE A 100 20.43 -20.69 -3.77
N ALA A 101 21.23 -21.11 -4.74
CA ALA A 101 22.41 -21.89 -4.43
C ALA A 101 23.55 -20.91 -4.17
N ARG A 102 24.19 -21.06 -3.00
CA ARG A 102 25.31 -20.20 -2.60
C ARG A 102 26.49 -21.07 -2.20
N ASN A 103 27.58 -20.91 -2.96
CA ASN A 103 28.81 -21.68 -2.80
C ASN A 103 28.56 -23.18 -3.06
N GLY A 104 27.36 -23.51 -3.52
CA GLY A 104 27.07 -24.90 -3.83
C GLY A 104 26.03 -25.59 -2.98
N THR A 105 25.17 -24.84 -2.33
CA THR A 105 24.12 -25.43 -1.51
C THR A 105 22.94 -24.47 -1.35
N PRO A 106 21.72 -25.01 -1.25
CA PRO A 106 20.57 -24.13 -1.11
C PRO A 106 20.53 -23.26 0.12
N VAL A 107 20.26 -21.99 -0.09
CA VAL A 107 20.09 -21.04 0.99
C VAL A 107 18.71 -20.43 0.75
N LEU A 108 17.91 -20.26 1.80
CA LEU A 108 16.58 -19.68 1.61
C LEU A 108 16.62 -18.21 1.19
N LEU A 109 15.88 -17.88 0.14
CA LEU A 109 15.80 -16.53 -0.40
C LEU A 109 14.93 -15.67 0.52
N PRO A 110 15.23 -14.37 0.60
CA PRO A 110 14.43 -13.48 1.46
C PRO A 110 13.04 -13.17 0.87
N SER A 111 12.00 -13.37 1.66
CA SER A 111 10.64 -13.12 1.17
C SER A 111 10.24 -11.66 0.95
N ASN A 112 10.82 -10.74 1.71
CA ASN A 112 10.51 -9.31 1.57
C ASN A 112 11.69 -8.39 1.87
N PRO A 113 11.66 -7.18 1.28
CA PRO A 113 12.71 -6.16 1.43
C PRO A 113 13.28 -6.09 2.82
N ILE A 114 12.44 -6.01 3.84
CA ILE A 114 12.94 -5.95 5.21
C ILE A 114 13.96 -7.04 5.48
N ASP A 115 13.55 -8.30 5.36
CA ASP A 115 14.47 -9.40 5.63
C ASP A 115 15.80 -9.29 4.90
N LEU A 116 15.81 -8.50 3.83
CA LEU A 116 17.03 -8.28 3.05
C LEU A 116 18.06 -7.55 3.92
N ILE A 117 17.62 -6.52 4.64
CA ILE A 117 18.52 -5.75 5.52
C ILE A 117 18.63 -6.43 6.88
N LYS A 118 17.61 -7.21 7.25
CA LYS A 118 17.58 -7.90 8.54
C LYS A 118 18.29 -9.25 8.57
N SER A 119 18.48 -9.88 7.41
CA SER A 119 19.12 -11.20 7.37
C SER A 119 20.60 -11.07 7.12
N ASN A 120 21.24 -12.20 6.85
CA ASN A 120 22.66 -12.18 6.57
C ASN A 120 22.91 -12.58 5.13
N PHE A 121 21.82 -12.70 4.39
CA PHE A 121 21.91 -13.06 3.00
C PHE A 121 22.79 -12.08 2.22
N LEU A 122 22.90 -10.85 2.71
CA LEU A 122 23.73 -9.84 2.06
C LEU A 122 24.82 -9.38 2.99
N SER A 123 25.94 -8.95 2.40
CA SER A 123 27.08 -8.45 3.16
C SER A 123 26.79 -7.09 3.79
N THR A 124 27.63 -6.69 4.75
CA THR A 124 27.46 -5.40 5.41
C THR A 124 27.60 -4.24 4.41
N GLY A 125 28.48 -4.39 3.43
CA GLY A 125 28.67 -3.36 2.44
C GLY A 125 27.53 -3.26 1.44
N SER A 126 26.77 -4.34 1.27
CA SER A 126 25.66 -4.32 0.33
C SER A 126 24.43 -3.63 0.91
N LYS A 127 24.20 -3.83 2.20
CA LYS A 127 23.06 -3.25 2.90
C LYS A 127 23.21 -1.75 2.98
N LEU A 128 24.42 -1.32 3.32
CA LEU A 128 24.70 0.10 3.43
C LEU A 128 24.57 0.73 2.05
N GLN A 129 24.99 0.00 1.03
CA GLN A 129 24.89 0.53 -0.31
C GLN A 129 23.45 0.61 -0.79
N LEU A 131 20.56 0.87 1.45
CA LEU A 131 20.00 1.94 2.28
C LEU A 131 20.39 3.34 1.85
N LEU A 132 21.64 3.50 1.43
CA LEU A 132 22.09 4.81 0.99
C LEU A 132 21.84 5.04 -0.50
N GLU A 133 21.16 4.09 -1.14
CA GLU A 133 20.87 4.20 -2.56
C GLU A 133 20.03 5.46 -2.88
N PRO A 134 19.14 5.85 -1.96
CA PRO A 134 18.32 7.05 -2.21
C PRO A 134 19.18 8.32 -2.28
N ILE A 135 20.28 8.33 -1.54
CA ILE A 135 21.18 9.48 -1.55
C ILE A 135 22.28 9.39 -2.60
N LEU A 136 22.92 8.22 -2.72
CA LEU A 136 24.00 8.03 -3.68
C LEU A 136 23.51 8.01 -5.14
N TRP A 137 22.19 7.91 -5.31
CA TRP A 137 21.61 7.85 -6.63
C TRP A 137 20.16 8.34 -6.58
N SER A 148 20.82 4.32 -22.26
CA SER A 148 20.82 4.12 -23.71
C SER A 148 20.82 2.63 -24.09
N HIS A 149 21.87 1.94 -23.67
CA HIS A 149 22.03 0.51 -23.99
C HIS A 149 22.44 -0.28 -22.76
N GLU A 150 22.38 0.35 -21.59
CA GLU A 150 22.77 -0.30 -20.35
C GLU A 150 22.21 -1.72 -20.17
N SER A 151 23.06 -2.65 -19.75
CA SER A 151 22.64 -4.02 -19.52
C SER A 151 22.02 -4.11 -18.16
N VAL A 152 21.18 -5.11 -17.95
CA VAL A 152 20.53 -5.33 -16.66
C VAL A 152 21.60 -5.30 -15.59
N SER A 153 22.66 -6.05 -15.86
CA SER A 153 23.83 -6.19 -15.00
C SER A 153 24.51 -4.88 -14.63
N GLY A 154 24.76 -4.02 -15.61
CA GLY A 154 25.42 -2.75 -15.35
C GLY A 154 24.62 -1.87 -14.43
N PHE A 155 23.35 -1.70 -14.79
CA PHE A 155 22.44 -0.89 -14.01
C PHE A 155 22.51 -1.33 -12.57
N PHE A 156 21.92 -2.48 -12.28
CA PHE A 156 21.92 -3.02 -10.91
C PHE A 156 23.28 -2.97 -10.21
N GLN A 157 24.35 -3.24 -10.97
CA GLN A 157 25.68 -3.20 -10.41
C GLN A 157 25.90 -1.83 -9.78
N ARG A 158 25.93 -0.78 -10.61
CA ARG A 158 26.19 0.55 -10.10
C ARG A 158 25.22 1.02 -9.02
N HIS A 159 24.00 0.51 -9.03
CA HIS A 159 23.04 0.92 -8.03
C HIS A 159 23.11 0.19 -6.69
N PHE A 160 23.13 -1.14 -6.73
CA PHE A 160 23.12 -1.89 -5.48
C PHE A 160 24.33 -2.75 -5.19
N GLY A 161 25.26 -2.83 -6.14
CA GLY A 161 26.45 -3.61 -5.90
C GLY A 161 26.48 -4.97 -6.57
N LYS A 162 27.65 -5.60 -6.56
CA LYS A 162 27.83 -6.89 -7.19
C LYS A 162 27.15 -8.10 -6.52
N GLU A 163 27.20 -8.18 -5.20
CA GLU A 163 26.57 -9.31 -4.52
C GLU A 163 25.10 -9.37 -4.94
N VAL A 164 24.44 -8.22 -4.96
CA VAL A 164 23.03 -8.13 -5.34
C VAL A 164 22.79 -8.47 -6.82
N VAL A 165 23.81 -8.32 -7.66
CA VAL A 165 23.61 -8.69 -9.04
C VAL A 165 23.85 -10.16 -9.19
N ASP A 166 24.82 -10.67 -8.45
CA ASP A 166 25.14 -12.08 -8.53
C ASP A 166 24.15 -13.02 -7.88
N TYR A 167 23.67 -12.71 -6.69
CA TYR A 167 22.76 -13.64 -6.03
C TYR A 167 21.32 -13.21 -5.91
N LEU A 168 20.96 -12.14 -6.58
CA LEU A 168 19.59 -11.68 -6.56
C LEU A 168 19.06 -11.46 -7.97
N ILE A 169 19.48 -10.39 -8.63
CA ILE A 169 18.91 -10.19 -9.95
C ILE A 169 19.35 -11.26 -10.96
N ASP A 170 20.52 -11.86 -10.79
CA ASP A 170 20.94 -12.90 -11.73
C ASP A 170 20.04 -14.14 -11.64
N PRO A 171 19.80 -14.66 -10.43
CA PRO A 171 18.94 -15.84 -10.29
C PRO A 171 17.55 -15.51 -10.83
N PHE A 172 17.13 -14.26 -10.70
CA PHE A 172 15.82 -13.83 -11.18
C PHE A 172 15.75 -13.88 -12.69
N VAL A 173 16.79 -13.42 -13.36
CA VAL A 173 16.82 -13.45 -14.80
C VAL A 173 16.93 -14.90 -15.26
N ALA A 174 17.75 -15.70 -14.57
CA ALA A 174 17.91 -17.10 -14.94
C ALA A 174 16.55 -17.80 -14.84
N GLY A 175 15.78 -17.43 -13.84
CA GLY A 175 14.48 -18.07 -13.66
C GLY A 175 13.39 -17.54 -14.57
N THR A 176 13.70 -16.50 -15.33
CA THR A 176 12.70 -15.93 -16.22
C THR A 176 12.91 -16.29 -17.70
N CYS A 177 14.16 -16.39 -18.12
CA CYS A 177 14.48 -16.71 -19.51
C CYS A 177 15.75 -17.53 -19.65
N GLY A 178 16.41 -17.82 -18.53
CA GLY A 178 17.63 -18.60 -18.55
C GLY A 178 18.79 -17.80 -19.09
N GLY A 179 18.58 -16.49 -19.22
CA GLY A 179 19.60 -15.62 -19.77
C GLY A 179 20.65 -15.10 -18.81
N ASP A 180 21.49 -14.19 -19.30
CA ASP A 180 22.54 -13.62 -18.49
C ASP A 180 22.41 -12.11 -18.38
N PRO A 181 22.38 -11.58 -17.15
CA PRO A 181 22.24 -10.15 -16.85
C PRO A 181 23.12 -9.25 -17.71
N ASP A 182 24.34 -9.70 -17.98
CA ASP A 182 25.30 -8.92 -18.76
C ASP A 182 24.89 -8.71 -20.21
N SER A 183 23.96 -9.50 -20.70
CA SER A 183 23.57 -9.35 -22.08
C SER A 183 22.11 -9.07 -22.29
N LEU A 184 21.52 -8.28 -21.41
CA LEU A 184 20.12 -7.91 -21.51
C LEU A 184 19.95 -6.41 -21.40
N SER A 185 19.14 -5.84 -22.28
CA SER A 185 18.90 -4.41 -22.23
C SER A 185 18.17 -4.15 -20.93
N HIS A 187 16.77 -1.36 -20.17
CA HIS A 187 15.59 -0.65 -20.64
C HIS A 187 14.47 -1.60 -21.06
N HIS A 188 14.80 -2.51 -21.96
CA HIS A 188 13.81 -3.45 -22.46
C HIS A 188 13.41 -4.59 -21.51
N SER A 189 14.30 -4.98 -20.60
CA SER A 189 13.97 -6.07 -19.68
C SER A 189 13.13 -5.59 -18.50
N PHE A 190 13.53 -4.49 -17.87
CA PHE A 190 12.77 -3.94 -16.73
C PHE A 190 12.29 -2.52 -17.04
N PRO A 191 11.21 -2.40 -17.82
CA PRO A 191 10.66 -1.09 -18.18
C PRO A 191 10.18 -0.32 -16.96
N GLU A 192 9.44 -1.04 -16.11
CA GLU A 192 8.88 -0.48 -14.89
C GLU A 192 9.94 0.12 -13.99
N LEU A 193 11.21 -0.12 -14.29
CA LEU A 193 12.28 0.43 -13.48
C LEU A 193 13.12 1.43 -14.25
N TRP A 194 13.26 1.21 -15.56
CA TRP A 194 14.07 2.14 -16.35
C TRP A 194 13.44 3.51 -16.24
N ASN A 195 12.12 3.53 -16.25
CA ASN A 195 11.37 4.78 -16.14
C ASN A 195 11.70 5.48 -14.83
N LEU A 196 11.34 4.87 -13.71
CA LEU A 196 11.60 5.45 -12.40
C LEU A 196 12.97 6.11 -12.26
N GLU A 197 14.01 5.50 -12.83
CA GLU A 197 15.32 6.11 -12.73
C GLU A 197 15.33 7.42 -13.50
N LYS A 198 14.76 7.40 -14.71
CA LYS A 198 14.71 8.60 -15.54
C LYS A 198 14.09 9.76 -14.78
N ARG A 199 12.98 9.48 -14.11
CA ARG A 199 12.26 10.48 -13.33
C ARG A 199 12.85 10.67 -11.93
N PHE A 200 12.50 9.77 -11.01
CA PHE A 200 12.96 9.83 -9.64
C PHE A 200 14.46 9.72 -9.43
N GLY A 201 15.16 9.04 -10.33
CA GLY A 201 16.61 8.93 -10.22
C GLY A 201 17.18 7.83 -9.33
N SER A 202 16.47 7.48 -8.26
CA SER A 202 16.96 6.45 -7.37
C SER A 202 15.89 5.39 -7.26
N VAL A 203 16.22 4.20 -7.76
CA VAL A 203 15.31 3.07 -7.74
C VAL A 203 14.57 2.89 -6.43
N ILE A 204 15.29 2.65 -5.34
CA ILE A 204 14.69 2.45 -4.03
C ILE A 204 13.61 3.46 -3.69
N LEU A 205 13.89 4.73 -3.93
CA LEU A 205 12.94 5.79 -3.64
C LEU A 205 11.71 5.66 -4.53
N GLY A 206 11.95 5.54 -5.83
CA GLY A 206 10.86 5.41 -6.78
C GLY A 206 9.93 4.26 -6.44
N ALA A 207 10.47 3.04 -6.37
CA ALA A 207 9.66 1.88 -6.04
C ALA A 207 8.73 2.21 -4.88
N ILE A 208 9.28 2.81 -3.84
CA ILE A 208 8.53 3.20 -2.64
C ILE A 208 7.41 4.19 -2.98
N ARG A 209 7.77 5.23 -3.73
CA ARG A 209 6.84 6.27 -4.13
C ARG A 209 5.56 5.60 -4.65
N SER A 210 5.72 4.86 -5.73
CA SER A 210 4.61 4.15 -6.37
C SER A 210 3.88 3.13 -5.50
N LYS A 211 4.35 1.89 -5.56
CA LYS A 211 3.76 0.77 -4.82
C LYS A 211 3.71 0.89 -3.30
N LEU A 212 3.37 2.07 -2.77
CA LEU A 212 3.31 2.27 -1.32
C LEU A 212 2.68 3.59 -0.87
N SER A 213 1.89 4.22 -1.74
CA SER A 213 1.23 5.48 -1.42
C SER A 213 0.21 5.84 -2.49
N LYS A 224 -9.27 -1.46 -17.83
CA LYS A 224 -8.53 -2.66 -17.46
C LYS A 224 -9.28 -3.41 -16.37
N THR A 225 -10.10 -2.68 -15.62
CA THR A 225 -10.90 -3.25 -14.53
C THR A 225 -11.63 -4.51 -14.98
N SER A 226 -11.41 -5.60 -14.23
CA SER A 226 -12.03 -6.89 -14.53
C SER A 226 -12.75 -7.44 -13.30
N ALA A 227 -12.77 -8.77 -13.19
CA ALA A 227 -13.42 -9.44 -12.07
C ALA A 227 -12.45 -9.65 -10.90
N ASN A 228 -12.22 -10.91 -10.55
CA ASN A 228 -11.32 -11.27 -9.46
C ASN A 228 -11.64 -10.56 -8.15
N LYS A 229 -10.73 -10.69 -7.18
CA LYS A 229 -10.88 -10.07 -5.88
C LYS A 229 -9.57 -10.26 -5.13
N LYS A 230 -8.46 -10.02 -5.84
CA LYS A 230 -7.12 -10.16 -5.29
C LYS A 230 -6.98 -11.57 -4.74
N ARG A 231 -7.87 -12.45 -5.18
CA ARG A 231 -7.87 -13.85 -4.75
C ARG A 231 -6.68 -14.60 -5.34
N GLN A 232 -5.83 -15.11 -4.45
CA GLN A 232 -4.63 -15.86 -4.82
C GLN A 232 -3.90 -15.17 -5.98
N ARG A 233 -3.24 -14.06 -5.67
CA ARG A 233 -2.51 -13.33 -6.69
C ARG A 233 -1.28 -14.09 -7.16
N GLY A 234 -0.92 -15.14 -6.42
CA GLY A 234 0.24 -15.94 -6.76
C GLY A 234 0.19 -16.54 -8.16
N SER A 235 1.20 -17.33 -8.50
CA SER A 235 1.23 -17.97 -9.80
C SER A 235 0.32 -19.21 -9.70
N PHE A 236 0.23 -19.99 -10.77
CA PHE A 236 -0.63 -21.16 -10.77
C PHE A 236 -0.51 -21.90 -12.08
N SER A 237 -1.26 -23.00 -12.21
CA SER A 237 -1.27 -23.80 -13.41
C SER A 237 -2.70 -24.31 -13.59
N PHE A 238 -2.84 -25.47 -14.25
CA PHE A 238 -4.15 -26.10 -14.46
C PHE A 238 -3.98 -27.60 -14.31
N LEU A 239 -5.02 -28.27 -13.83
CA LEU A 239 -4.96 -29.72 -13.66
C LEU A 239 -4.61 -30.34 -15.02
N GLY A 240 -3.51 -31.09 -15.06
CA GLY A 240 -3.08 -31.72 -16.31
C GLY A 240 -1.90 -31.01 -16.95
N GLY A 241 -1.62 -29.78 -16.54
CA GLY A 241 -0.51 -29.05 -17.13
C GLY A 241 -0.93 -27.71 -17.73
N GLN A 243 -0.84 -26.90 -20.69
CA GLN A 243 -1.49 -27.10 -21.98
C GLN A 243 -3.01 -27.06 -21.92
N THR A 244 -3.56 -27.30 -20.74
CA THR A 244 -5.01 -27.29 -20.55
C THR A 244 -5.62 -25.99 -21.04
N LEU A 245 -4.93 -24.88 -20.83
CA LEU A 245 -5.42 -23.57 -21.28
C LEU A 245 -5.56 -23.53 -22.80
N THR A 246 -4.50 -23.92 -23.48
CA THR A 246 -4.44 -23.96 -24.94
C THR A 246 -5.53 -24.86 -25.54
N ASP A 247 -5.75 -26.02 -24.93
CA ASP A 247 -6.77 -26.96 -25.37
C ASP A 247 -8.17 -26.37 -25.28
N ALA A 248 -8.45 -25.63 -24.21
CA ALA A 248 -9.75 -25.00 -24.03
C ALA A 248 -10.07 -24.09 -25.21
N ILE A 249 -9.07 -23.37 -25.70
CA ILE A 249 -9.27 -22.45 -26.81
C ILE A 249 -9.51 -23.24 -28.09
N CYS A 250 -8.81 -24.36 -28.21
CA CYS A 250 -8.94 -25.20 -29.39
C CYS A 250 -10.26 -25.94 -29.54
N LYS A 251 -10.98 -26.12 -28.44
CA LYS A 251 -12.27 -26.82 -28.48
C LYS A 251 -13.36 -25.90 -29.00
N ASP A 252 -12.98 -24.68 -29.35
CA ASP A 252 -13.93 -23.72 -29.89
C ASP A 252 -13.58 -23.45 -31.34
N LEU A 253 -12.64 -24.22 -31.86
CA LEU A 253 -12.21 -24.06 -33.24
C LEU A 253 -12.45 -25.33 -34.02
N ARG A 254 -13.05 -25.17 -35.20
CA ARG A 254 -13.35 -26.31 -36.07
C ARG A 254 -12.06 -26.88 -36.65
N GLU A 255 -12.15 -28.06 -37.26
CA GLU A 255 -10.97 -28.70 -37.85
C GLU A 255 -10.42 -27.83 -39.00
N ASP A 256 -11.29 -27.00 -39.56
CA ASP A 256 -10.93 -26.11 -40.65
C ASP A 256 -10.38 -24.78 -40.11
N GLU A 257 -10.59 -24.55 -38.80
CA GLU A 257 -10.12 -23.35 -38.12
C GLU A 257 -8.64 -23.55 -37.82
N LEU A 258 -8.34 -24.69 -37.21
CA LEU A 258 -6.98 -25.03 -36.82
C LEU A 258 -6.28 -25.95 -37.82
N ARG A 259 -5.31 -25.41 -38.56
CA ARG A 259 -4.58 -26.20 -39.55
C ARG A 259 -3.17 -26.55 -39.07
N LEU A 260 -3.02 -27.75 -38.54
CA LEU A 260 -1.72 -28.20 -38.04
C LEU A 260 -0.82 -28.63 -39.19
N ASN A 261 0.47 -28.77 -38.91
CA ASN A 261 1.46 -29.18 -39.91
C ASN A 261 1.50 -28.31 -41.13
N SER A 262 0.71 -27.24 -41.14
CA SER A 262 0.69 -26.35 -42.29
C SER A 262 1.54 -25.10 -42.04
N ARG A 263 2.86 -25.25 -42.16
CA ARG A 263 3.78 -24.13 -41.95
C ARG A 263 3.72 -23.08 -43.06
N VAL A 264 3.62 -21.81 -42.67
CA VAL A 264 3.55 -20.72 -43.64
C VAL A 264 4.91 -20.43 -44.26
N LEU A 265 4.98 -20.43 -45.58
CA LEU A 265 6.23 -20.20 -46.29
C LEU A 265 6.33 -18.83 -46.91
N GLU A 266 5.23 -18.37 -47.48
CA GLU A 266 5.21 -17.08 -48.13
C GLU A 266 3.92 -16.29 -47.87
N LEU A 267 4.02 -14.98 -48.01
CA LEU A 267 2.91 -14.06 -47.82
C LEU A 267 2.88 -13.17 -49.06
N SER A 268 1.70 -12.73 -49.46
CA SER A 268 1.56 -11.88 -50.63
C SER A 268 0.33 -11.03 -50.50
N CYS A 269 0.50 -9.72 -50.57
CA CYS A 269 -0.64 -8.85 -50.49
C CYS A 269 -0.79 -8.04 -51.78
N SER A 270 -1.98 -8.14 -52.37
CA SER A 270 -2.31 -7.44 -53.59
C SER A 270 -3.22 -6.25 -53.26
N CYS A 271 -2.97 -5.11 -53.89
CA CYS A 271 -3.75 -3.91 -53.63
C CYS A 271 -4.56 -3.56 -54.87
N THR A 272 -4.71 -2.25 -55.10
CA THR A 272 -5.45 -1.71 -56.25
C THR A 272 -6.62 -2.58 -56.69
N GLU A 273 -6.90 -2.56 -57.99
CA GLU A 273 -8.00 -3.33 -58.57
C GLU A 273 -9.35 -2.71 -58.21
N ASP A 274 -10.38 -3.56 -58.12
CA ASP A 274 -11.74 -3.12 -57.77
C ASP A 274 -12.19 -3.69 -56.42
N SER A 275 -12.03 -2.88 -55.38
CA SER A 275 -12.43 -3.28 -54.03
C SER A 275 -12.05 -2.21 -53.02
N ALA A 276 -11.13 -2.56 -52.12
CA ALA A 276 -10.66 -1.65 -51.09
C ALA A 276 -9.52 -2.30 -50.31
N ILE A 277 -9.68 -2.43 -48.99
CA ILE A 277 -8.65 -3.05 -48.14
C ILE A 277 -7.90 -4.14 -48.91
N ASP A 278 -6.57 -4.07 -48.92
CA ASP A 278 -5.73 -5.03 -49.65
C ASP A 278 -6.10 -6.48 -49.37
N SER A 279 -5.56 -7.40 -50.16
CA SER A 279 -5.87 -8.82 -49.99
C SER A 279 -4.60 -9.63 -49.75
N TRP A 280 -4.59 -10.45 -48.71
CA TRP A 280 -3.40 -11.25 -48.43
C TRP A 280 -3.62 -12.70 -48.79
N SER A 281 -2.55 -13.37 -49.22
CA SER A 281 -2.63 -14.80 -49.57
C SER A 281 -1.48 -15.56 -48.89
N ILE A 282 -1.77 -16.75 -48.39
CA ILE A 282 -0.76 -17.53 -47.70
C ILE A 282 -0.40 -18.82 -48.40
N ILE A 283 0.91 -19.05 -48.51
CA ILE A 283 1.42 -20.26 -49.14
C ILE A 283 2.03 -21.11 -48.04
N SER A 284 1.29 -22.11 -47.58
CA SER A 284 1.78 -22.99 -46.53
C SER A 284 2.03 -24.34 -47.14
N ALA A 285 3.02 -25.06 -46.61
CA ALA A 285 3.35 -26.38 -47.13
C ALA A 285 2.50 -27.45 -46.50
N SER A 286 2.79 -28.70 -46.88
CA SER A 286 2.07 -29.86 -46.37
C SER A 286 0.57 -29.70 -46.62
N PRO A 287 0.23 -29.28 -47.84
CA PRO A 287 -1.16 -29.12 -48.21
C PRO A 287 -1.77 -30.51 -48.15
N HIS A 288 -0.87 -31.49 -48.18
CA HIS A 288 -1.21 -32.91 -48.11
C HIS A 288 0.08 -33.56 -47.60
N LYS A 289 0.84 -34.15 -48.51
CA LYS A 289 2.11 -34.78 -48.18
C LYS A 289 3.11 -34.23 -49.18
N ARG A 290 3.86 -33.21 -48.77
CA ARG A 290 4.84 -32.57 -49.63
C ARG A 290 4.10 -31.84 -50.75
N GLN A 291 3.08 -31.08 -50.36
CA GLN A 291 2.28 -30.32 -51.30
C GLN A 291 2.22 -28.84 -50.87
N SER A 292 1.81 -27.97 -51.78
CA SER A 292 1.72 -26.55 -51.50
C SER A 292 0.37 -26.01 -51.97
N GLU A 293 -0.09 -24.94 -51.34
CA GLU A 293 -1.39 -24.33 -51.69
C GLU A 293 -1.50 -22.88 -51.27
N GLU A 294 -2.70 -22.31 -51.40
CA GLU A 294 -2.90 -20.90 -51.06
C GLU A 294 -4.32 -20.57 -50.59
N GLU A 295 -4.49 -19.35 -50.10
CA GLU A 295 -5.78 -18.84 -49.62
C GLU A 295 -5.68 -17.31 -49.46
N SER A 296 -6.80 -16.62 -49.67
CA SER A 296 -6.81 -15.15 -49.56
C SER A 296 -7.53 -14.69 -48.27
N PHE A 297 -6.95 -13.68 -47.59
CA PHE A 297 -7.52 -13.13 -46.35
C PHE A 297 -7.52 -11.61 -46.37
N ASP A 298 -8.11 -10.99 -45.34
CA ASP A 298 -8.19 -9.53 -45.24
C ASP A 298 -7.18 -8.94 -44.27
N ALA A 299 -6.76 -9.75 -43.31
CA ALA A 299 -5.80 -9.29 -42.32
C ALA A 299 -5.00 -10.51 -41.92
N VAL A 300 -3.84 -10.27 -41.34
CA VAL A 300 -2.96 -11.37 -40.94
C VAL A 300 -2.28 -11.05 -39.61
N ILE A 301 -2.46 -11.92 -38.62
CA ILE A 301 -1.79 -11.71 -37.34
C ILE A 301 -0.57 -12.62 -37.28
N THR A 303 2.40 -14.33 -35.43
CA THR A 303 2.70 -14.76 -34.08
C THR A 303 3.96 -15.61 -33.93
N ALA A 304 4.57 -16.00 -35.04
CA ALA A 304 5.77 -16.80 -34.97
C ALA A 304 6.93 -15.94 -34.51
N PRO A 305 8.01 -16.56 -34.04
CA PRO A 305 9.18 -15.80 -33.58
C PRO A 305 9.77 -14.96 -34.69
N LEU A 306 10.39 -13.85 -34.32
CA LEU A 306 10.98 -12.95 -35.28
C LEU A 306 12.03 -13.65 -36.12
N CYS A 307 12.67 -14.69 -35.60
CA CYS A 307 13.67 -15.40 -36.38
C CYS A 307 13.00 -16.27 -37.45
N ASP A 308 11.69 -16.48 -37.33
CA ASP A 308 10.93 -17.29 -38.29
C ASP A 308 10.25 -16.42 -39.33
N VAL A 309 10.07 -15.15 -39.00
CA VAL A 309 9.45 -14.24 -39.92
C VAL A 309 10.47 -13.97 -41.02
N LYS A 310 11.75 -14.05 -40.67
CA LYS A 310 12.82 -13.81 -41.62
C LYS A 310 12.82 -14.84 -42.74
N SER A 311 12.70 -16.12 -42.37
CA SER A 311 12.69 -17.20 -43.34
C SER A 311 11.33 -17.34 -44.00
N LYS A 313 9.15 -15.89 -47.32
CA LYS A 313 9.15 -15.12 -48.55
C LYS A 313 7.91 -14.24 -48.61
N ILE A 314 8.08 -12.99 -48.24
CA ILE A 314 6.99 -12.02 -48.23
C ILE A 314 7.19 -10.95 -49.32
N ALA A 315 6.11 -10.60 -50.02
CA ALA A 315 6.18 -9.61 -51.09
C ALA A 315 5.03 -8.59 -51.07
N LYS A 316 5.32 -7.35 -51.44
CA LYS A 316 4.32 -6.28 -51.46
C LYS A 316 3.43 -6.39 -52.70
N ARG A 317 3.46 -5.39 -53.56
CA ARG A 317 2.66 -5.36 -54.78
C ARG A 317 2.95 -6.59 -55.63
N GLY A 318 4.02 -6.52 -56.40
CA GLY A 318 4.41 -7.62 -57.25
C GLY A 318 5.85 -7.94 -56.96
N ASN A 319 6.58 -6.93 -56.50
CA ASN A 319 7.98 -7.10 -56.16
C ASN A 319 8.13 -7.46 -54.69
N PRO A 320 9.10 -8.32 -54.36
CA PRO A 320 9.38 -8.77 -53.00
C PRO A 320 9.44 -7.63 -52.00
N PHE A 321 9.27 -7.98 -50.73
CA PHE A 321 9.34 -7.01 -49.65
C PHE A 321 10.48 -7.54 -48.79
N LEU A 322 11.67 -6.99 -48.95
CA LEU A 322 12.84 -7.47 -48.22
C LEU A 322 12.86 -7.15 -46.73
N LEU A 323 13.00 -8.20 -45.94
CA LEU A 323 13.06 -8.09 -44.49
C LEU A 323 14.48 -7.85 -44.00
N ASN A 324 15.37 -7.47 -44.90
CA ASN A 324 16.76 -7.22 -44.56
C ASN A 324 16.89 -6.42 -43.27
N PHE A 325 16.04 -5.40 -43.12
CA PHE A 325 16.07 -4.54 -41.95
C PHE A 325 15.88 -5.23 -40.60
N ILE A 326 15.33 -6.43 -40.62
CA ILE A 326 15.11 -7.21 -39.39
C ILE A 326 16.45 -7.53 -38.75
N PRO A 327 16.70 -7.00 -37.54
CA PRO A 327 17.96 -7.30 -36.88
C PRO A 327 17.97 -8.79 -36.56
N GLU A 328 19.15 -9.36 -36.37
CA GLU A 328 19.23 -10.79 -36.06
C GLU A 328 19.12 -10.97 -34.54
N VAL A 329 17.96 -11.47 -34.10
CA VAL A 329 17.74 -11.68 -32.67
C VAL A 329 18.28 -13.03 -32.25
N ASP A 330 18.94 -13.07 -31.12
CA ASP A 330 19.49 -14.32 -30.65
C ASP A 330 18.53 -14.99 -29.66
N TYR A 331 18.78 -16.25 -29.31
CA TYR A 331 17.88 -16.93 -28.39
C TYR A 331 18.58 -17.72 -27.28
N VAL A 332 17.86 -17.92 -26.19
CA VAL A 332 18.38 -18.70 -25.08
C VAL A 332 17.95 -20.15 -25.31
N PRO A 333 18.91 -21.03 -25.58
CA PRO A 333 18.66 -22.45 -25.82
C PRO A 333 18.70 -23.19 -24.50
N LEU A 334 17.82 -24.15 -24.31
CA LEU A 334 17.80 -24.92 -23.08
C LEU A 334 16.85 -26.09 -23.19
N SER A 335 17.04 -27.08 -22.35
CA SER A 335 16.13 -28.21 -22.43
C SER A 335 15.54 -28.46 -21.05
N VAL A 336 14.29 -28.91 -21.03
CA VAL A 336 13.63 -29.21 -19.77
C VAL A 336 13.81 -30.69 -19.46
N VAL A 337 14.49 -31.00 -18.36
CA VAL A 337 14.70 -32.39 -18.00
C VAL A 337 13.82 -32.82 -16.83
N ILE A 338 13.19 -33.98 -16.96
CA ILE A 338 12.34 -34.52 -15.90
C ILE A 338 12.98 -35.75 -15.30
N THR A 339 12.98 -35.81 -13.96
CA THR A 339 13.53 -36.95 -13.25
C THR A 339 12.62 -37.23 -12.08
N THR A 340 12.74 -38.43 -11.53
CA THR A 340 11.90 -38.82 -10.40
C THR A 340 12.66 -39.69 -9.40
N PHE A 341 12.81 -39.23 -8.17
CA PHE A 341 13.52 -40.06 -7.20
C PHE A 341 12.57 -40.58 -6.12
N LYS A 342 12.84 -41.78 -5.62
CA LYS A 342 11.99 -42.34 -4.57
C LYS A 342 12.28 -41.49 -3.34
N ARG A 343 11.24 -41.03 -2.67
CA ARG A 343 11.43 -40.19 -1.50
C ARG A 343 12.48 -40.73 -0.55
N GLU A 344 12.52 -42.05 -0.40
CA GLU A 344 13.48 -42.68 0.50
C GLU A 344 14.94 -42.37 0.15
N ASN A 345 15.20 -41.81 -1.03
CA ASN A 345 16.58 -41.53 -1.42
C ASN A 345 16.97 -40.05 -1.51
N VAL A 346 16.04 -39.17 -1.14
CA VAL A 346 16.31 -37.74 -1.16
C VAL A 346 16.62 -37.32 0.28
N LYS A 347 17.90 -37.36 0.62
CA LYS A 347 18.37 -37.01 1.96
C LYS A 347 17.98 -35.66 2.52
N TYR A 348 18.16 -34.60 1.74
CA TYR A 348 17.85 -33.26 2.22
C TYR A 348 16.78 -32.52 1.40
N PRO A 349 15.50 -32.88 1.58
CA PRO A 349 14.45 -32.20 0.82
C PRO A 349 14.28 -30.78 1.31
N LEU A 350 13.71 -29.95 0.44
CA LEU A 350 13.44 -28.58 0.80
C LEU A 350 11.98 -28.30 0.49
N GLU A 351 11.33 -27.51 1.33
CA GLU A 351 9.93 -27.16 1.14
C GLU A 351 9.85 -25.85 0.35
N GLY A 352 8.97 -25.80 -0.65
CA GLY A 352 8.83 -24.60 -1.45
C GLY A 352 8.56 -24.89 -2.92
N PHE A 353 8.90 -23.95 -3.80
CA PHE A 353 8.68 -24.13 -5.23
C PHE A 353 9.91 -24.64 -5.95
N GLY A 354 11.09 -24.28 -5.45
CA GLY A 354 12.30 -24.76 -6.10
C GLY A 354 13.62 -24.11 -5.69
N VAL A 355 14.60 -24.22 -6.58
CA VAL A 355 15.94 -23.68 -6.36
C VAL A 355 16.49 -23.10 -7.66
N LEU A 356 17.04 -21.89 -7.57
CA LEU A 356 17.63 -21.24 -8.73
C LEU A 356 19.14 -21.32 -8.59
N VAL A 357 19.86 -21.52 -9.69
CA VAL A 357 21.31 -21.62 -9.63
C VAL A 357 22.00 -20.44 -10.28
N PRO A 358 22.54 -19.51 -9.46
CA PRO A 358 23.23 -18.31 -9.94
C PRO A 358 24.40 -18.73 -10.82
N SER A 359 24.47 -18.19 -12.03
CA SER A 359 25.55 -18.53 -12.96
C SER A 359 26.92 -18.58 -12.31
N LYS A 360 27.08 -17.82 -11.23
CA LYS A 360 28.36 -17.80 -10.52
C LYS A 360 28.59 -19.13 -9.82
N GLU A 361 27.53 -19.89 -9.59
CA GLU A 361 27.68 -21.15 -8.91
C GLU A 361 28.29 -22.25 -9.78
N GLN A 362 28.62 -21.93 -11.02
CA GLN A 362 29.23 -22.95 -11.85
C GLN A 362 30.60 -23.29 -11.25
N GLN A 363 31.24 -22.30 -10.64
CA GLN A 363 32.53 -22.52 -10.01
C GLN A 363 32.37 -23.29 -8.71
N HIS A 364 31.24 -23.97 -8.58
CA HIS A 364 30.97 -24.76 -7.38
C HIS A 364 30.41 -26.10 -7.75
N GLY A 365 30.45 -26.39 -9.04
CA GLY A 365 29.96 -27.66 -9.53
C GLY A 365 28.52 -27.72 -10.00
N LEU A 366 27.75 -26.67 -9.75
CA LEU A 366 26.37 -26.67 -10.18
C LEU A 366 26.29 -26.28 -11.65
N LYS A 367 25.87 -27.20 -12.50
CA LYS A 367 25.81 -26.92 -13.93
C LYS A 367 24.41 -26.60 -14.51
N THR A 368 23.35 -26.81 -13.73
CA THR A 368 21.98 -26.54 -14.17
C THR A 368 21.56 -25.09 -13.89
N LEU A 369 20.40 -24.71 -14.42
CA LEU A 369 19.88 -23.35 -14.21
C LEU A 369 19.06 -23.28 -12.94
N GLY A 370 18.33 -24.35 -12.67
CA GLY A 370 17.50 -24.41 -11.49
C GLY A 370 16.47 -25.52 -11.64
N THR A 371 15.87 -25.95 -10.55
CA THR A 371 14.89 -27.02 -10.65
C THR A 371 13.64 -26.78 -9.82
N LEU A 372 12.48 -27.08 -10.41
CA LEU A 372 11.21 -26.93 -9.74
C LEU A 372 10.86 -28.19 -8.93
N PHE A 373 10.17 -27.99 -7.80
CA PHE A 373 9.74 -29.09 -6.95
C PHE A 373 8.31 -29.39 -7.38
N SER A 374 8.21 -30.05 -8.53
CA SER A 374 6.93 -30.38 -9.17
C SER A 374 5.89 -31.12 -8.35
N SER A 375 6.22 -32.32 -7.88
CA SER A 375 5.28 -33.09 -7.09
C SER A 375 4.95 -32.40 -5.77
N PHE A 378 2.41 -29.69 -6.95
CA PHE A 378 1.23 -30.39 -7.46
C PHE A 378 1.42 -31.87 -7.18
N PRO A 379 1.09 -32.33 -5.96
CA PRO A 379 1.25 -33.74 -5.59
C PRO A 379 0.50 -34.76 -6.46
N ASP A 380 -0.51 -34.30 -7.18
CA ASP A 380 -1.26 -35.20 -8.06
C ASP A 380 -0.45 -35.58 -9.30
N ARG A 381 0.56 -34.78 -9.61
CA ARG A 381 1.40 -35.05 -10.78
C ARG A 381 2.26 -36.30 -10.63
N ALA A 382 2.21 -36.97 -9.48
CA ALA A 382 3.04 -38.17 -9.27
C ALA A 382 2.75 -39.00 -8.02
N PRO A 383 3.19 -40.27 -8.01
CA PRO A 383 3.01 -41.20 -6.89
C PRO A 383 3.56 -40.61 -5.59
N ASN A 384 2.75 -40.68 -4.53
CA ASN A 384 3.13 -40.14 -3.22
C ASN A 384 4.40 -40.70 -2.57
N ASN A 385 5.06 -41.66 -3.21
CA ASN A 385 6.28 -42.23 -2.64
C ASN A 385 7.47 -41.84 -3.50
N VAL A 386 7.30 -40.75 -4.25
CA VAL A 386 8.35 -40.26 -5.14
C VAL A 386 8.32 -38.72 -5.27
N TYR A 387 9.41 -38.14 -5.76
CA TYR A 387 9.54 -36.70 -5.96
C TYR A 387 9.71 -36.43 -7.44
N LEU A 388 8.90 -35.53 -7.98
CA LEU A 388 9.01 -35.18 -9.41
C LEU A 388 9.74 -33.83 -9.53
N TYR A 389 10.92 -33.86 -10.15
CA TYR A 389 11.74 -32.65 -10.30
C TYR A 389 11.92 -32.14 -11.73
N THR A 390 11.38 -30.96 -12.03
CA THR A 390 11.57 -30.41 -13.38
C THR A 390 12.83 -29.51 -13.36
N THR A 391 13.87 -29.96 -14.08
CA THR A 391 15.13 -29.23 -14.15
C THR A 391 15.39 -28.61 -15.52
N PHE A 392 15.94 -27.39 -15.50
CA PHE A 392 16.27 -26.66 -16.73
C PHE A 392 17.78 -26.63 -16.93
N VAL A 393 18.23 -27.10 -18.10
CA VAL A 393 19.65 -27.14 -18.40
C VAL A 393 20.02 -26.28 -19.60
N GLY A 394 21.28 -25.84 -19.64
CA GLY A 394 21.72 -25.03 -20.76
C GLY A 394 21.69 -23.55 -20.49
N GLY A 395 20.95 -22.80 -21.31
CA GLY A 395 20.88 -21.37 -21.09
C GLY A 395 22.11 -20.64 -21.58
N SER A 396 22.06 -19.31 -21.52
CA SER A 396 23.16 -18.49 -21.98
C SER A 396 24.50 -18.86 -21.36
N ARG A 397 24.49 -19.28 -20.09
CA ARG A 397 25.73 -19.63 -19.42
C ARG A 397 26.39 -20.86 -20.00
N ASN A 398 25.64 -21.63 -20.79
CA ASN A 398 26.17 -22.85 -21.34
C ASN A 398 25.25 -23.43 -22.39
N ARG A 399 25.42 -22.97 -23.62
CA ARG A 399 24.60 -23.42 -24.74
C ARG A 399 24.83 -24.87 -25.17
N GLU A 400 26.08 -25.30 -25.24
CA GLU A 400 26.37 -26.67 -25.65
C GLU A 400 26.02 -27.70 -24.57
N LEU A 401 25.15 -27.33 -23.63
CA LEU A 401 24.76 -28.26 -22.58
C LEU A 401 23.29 -28.59 -22.79
N ALA A 402 22.62 -27.71 -23.52
CA ALA A 402 21.21 -27.86 -23.82
C ALA A 402 21.02 -28.96 -24.86
N LYS A 403 22.05 -29.15 -25.69
CA LYS A 403 22.00 -30.16 -26.75
C LYS A 403 22.63 -31.51 -26.38
N ALA A 404 22.87 -31.74 -25.09
CA ALA A 404 23.46 -33.00 -24.65
C ALA A 404 22.50 -34.16 -24.83
N SER A 405 23.06 -35.37 -24.88
CA SER A 405 22.28 -36.60 -25.03
C SER A 405 21.47 -36.80 -23.75
N ARG A 406 20.33 -37.49 -23.84
CA ARG A 406 19.52 -37.70 -22.64
C ARG A 406 20.38 -38.31 -21.54
N THR A 407 21.36 -39.11 -21.92
CA THR A 407 22.23 -39.71 -20.92
C THR A 407 22.97 -38.58 -20.24
N GLU A 408 23.84 -37.90 -20.98
CA GLU A 408 24.61 -36.77 -20.43
C GLU A 408 23.75 -35.83 -19.61
N LEU A 409 22.53 -35.58 -20.08
CA LEU A 409 21.62 -34.72 -19.34
C LEU A 409 21.26 -35.41 -18.05
N LYS A 410 20.93 -36.69 -18.12
CA LYS A 410 20.58 -37.46 -16.93
C LYS A 410 21.63 -37.29 -15.81
N GLU A 411 22.91 -37.40 -16.16
CA GLU A 411 23.93 -37.23 -15.13
C GLU A 411 24.02 -35.79 -14.63
N ILE A 412 24.03 -34.81 -15.53
CA ILE A 412 24.12 -33.41 -15.13
C ILE A 412 23.06 -33.13 -14.08
N VAL A 413 21.82 -33.49 -14.39
CA VAL A 413 20.74 -33.27 -13.45
C VAL A 413 20.97 -33.98 -12.13
N THR A 414 21.30 -35.27 -12.18
CA THR A 414 21.53 -36.03 -10.96
C THR A 414 22.62 -35.38 -10.10
N SER A 415 23.72 -35.04 -10.75
CA SER A 415 24.84 -34.42 -10.08
C SER A 415 24.44 -33.22 -9.25
N ASP A 416 23.68 -32.31 -9.84
CA ASP A 416 23.24 -31.14 -9.09
C ASP A 416 22.25 -31.53 -8.01
N LEU A 417 21.29 -32.39 -8.35
CA LEU A 417 20.29 -32.81 -7.40
C LEU A 417 20.90 -33.51 -6.18
N LYS A 418 22.02 -34.16 -6.39
CA LYS A 418 22.68 -34.83 -5.28
C LYS A 418 23.24 -33.75 -4.31
N GLN A 419 23.99 -32.82 -4.88
CA GLN A 419 24.63 -31.74 -4.12
C GLN A 419 23.66 -30.73 -3.51
N LEU A 420 22.51 -30.54 -4.16
CA LEU A 420 21.54 -29.59 -3.66
C LEU A 420 20.56 -30.22 -2.69
N LEU A 421 19.96 -31.34 -3.06
CA LEU A 421 18.97 -31.99 -2.21
C LEU A 421 19.41 -33.28 -1.57
N GLY A 422 20.62 -33.73 -1.86
CA GLY A 422 21.06 -34.98 -1.29
C GLY A 422 20.31 -36.13 -1.96
N ALA A 423 20.16 -36.06 -3.29
CA ALA A 423 19.51 -37.11 -4.05
C ALA A 423 20.53 -38.22 -4.22
N GLU A 424 20.14 -39.44 -3.82
CA GLU A 424 21.03 -40.60 -3.91
C GLU A 424 20.65 -41.53 -5.05
N GLY A 425 21.64 -41.93 -5.84
CA GLY A 425 21.37 -42.84 -6.93
C GLY A 425 20.88 -42.26 -8.25
N GLU A 426 20.36 -43.13 -9.12
CA GLU A 426 19.87 -42.72 -10.42
C GLU A 426 18.42 -42.30 -10.36
N PRO A 427 18.03 -41.37 -11.23
CA PRO A 427 16.70 -40.79 -11.37
C PRO A 427 15.44 -41.65 -11.39
N THR A 428 15.55 -42.97 -11.39
CA THR A 428 14.34 -43.82 -11.42
C THR A 428 13.51 -43.63 -12.70
N TYR A 429 13.67 -42.47 -13.34
CA TYR A 429 12.96 -42.13 -14.58
C TYR A 429 13.51 -40.82 -15.14
N VAL A 430 13.73 -40.76 -16.45
CA VAL A 430 14.25 -39.54 -17.06
C VAL A 430 13.67 -39.29 -18.43
N ASN A 431 13.25 -38.05 -18.66
CA ASN A 431 12.71 -37.65 -19.96
C ASN A 431 13.11 -36.20 -20.15
N HIS A 432 13.02 -35.67 -21.36
CA HIS A 432 13.41 -34.29 -21.56
C HIS A 432 13.03 -33.78 -22.92
N LEU A 433 12.99 -32.46 -23.08
CA LEU A 433 12.68 -31.87 -24.36
C LEU A 433 13.67 -30.77 -24.56
N TYR A 434 14.19 -30.65 -25.77
CA TYR A 434 15.18 -29.63 -26.07
C TYR A 434 14.61 -28.51 -26.91
N TRP A 435 14.71 -27.29 -26.38
CA TRP A 435 14.25 -26.11 -27.09
C TRP A 435 15.48 -25.36 -27.57
N SER A 436 15.72 -25.35 -28.88
CA SER A 436 16.88 -24.65 -29.42
C SER A 436 16.68 -23.13 -29.35
N LYS A 437 15.43 -22.70 -29.21
CA LYS A 437 15.11 -21.28 -29.11
C LYS A 437 13.97 -21.07 -28.11
N ALA A 438 14.30 -21.31 -26.84
CA ALA A 438 13.37 -21.19 -25.73
C ALA A 438 12.86 -19.80 -25.44
N PHE A 439 13.76 -18.82 -25.39
CA PHE A 439 13.36 -17.44 -25.10
C PHE A 439 14.09 -16.43 -25.95
N PRO A 440 13.40 -15.34 -26.33
CA PRO A 440 13.96 -14.25 -27.15
C PRO A 440 14.92 -13.49 -26.26
N LEU A 441 16.11 -13.21 -26.77
CA LEU A 441 17.06 -12.49 -25.96
C LEU A 441 16.97 -10.99 -26.23
N TYR A 442 16.34 -10.27 -25.29
CA TYR A 442 16.20 -8.82 -25.38
C TYR A 442 17.60 -8.29 -25.15
N GLY A 443 18.38 -8.19 -26.21
CA GLY A 443 19.75 -7.72 -26.08
C GLY A 443 19.95 -6.23 -26.24
N HIS A 444 21.16 -5.85 -26.65
CA HIS A 444 21.51 -4.45 -26.83
C HIS A 444 20.69 -3.76 -27.93
N ASN A 445 20.79 -4.27 -29.15
CA ASN A 445 20.06 -3.70 -30.27
C ASN A 445 18.57 -4.00 -30.25
N TYR A 446 18.02 -4.33 -29.09
CA TYR A 446 16.59 -4.63 -29.02
C TYR A 446 15.73 -3.39 -29.15
N ASP A 447 16.36 -2.22 -29.08
CA ASP A 447 15.66 -0.95 -29.20
C ASP A 447 15.30 -0.81 -30.66
N SER A 448 16.12 -1.41 -31.51
CA SER A 448 15.93 -1.36 -32.97
C SER A 448 15.03 -2.46 -33.48
N VAL A 449 15.04 -3.60 -32.79
CA VAL A 449 14.19 -4.73 -33.20
C VAL A 449 12.75 -4.24 -33.22
N LEU A 450 12.36 -3.60 -32.12
CA LEU A 450 11.01 -3.08 -32.01
C LEU A 450 10.66 -2.16 -33.19
N ASP A 451 11.63 -1.35 -33.62
CA ASP A 451 11.44 -0.42 -34.73
C ASP A 451 11.10 -1.13 -36.03
N ALA A 452 11.73 -2.27 -36.24
CA ALA A 452 11.51 -3.05 -37.44
C ALA A 452 10.11 -3.65 -37.42
N ILE A 453 9.71 -4.19 -36.28
CA ILE A 453 8.38 -4.78 -36.16
C ILE A 453 7.37 -3.71 -36.51
N ASP A 454 7.65 -2.47 -36.14
CA ASP A 454 6.74 -1.37 -36.44
C ASP A 454 6.82 -0.93 -37.89
N LYS A 455 8.04 -0.92 -38.44
CA LYS A 455 8.26 -0.52 -39.82
C LYS A 455 7.49 -1.47 -40.73
N GLU A 457 4.86 -3.43 -39.85
CA GLU A 457 3.43 -3.23 -39.64
C GLU A 457 2.91 -1.97 -40.34
N LYS A 458 3.76 -0.97 -40.49
CA LYS A 458 3.34 0.27 -41.14
C LYS A 458 3.34 0.20 -42.65
N ASN A 459 4.34 -0.49 -43.21
CA ASN A 459 4.47 -0.63 -44.67
C ASN A 459 3.65 -1.75 -45.30
N LEU A 460 3.18 -2.70 -44.50
CA LEU A 460 2.36 -3.79 -45.01
C LEU A 460 1.06 -3.78 -44.21
N PRO A 461 0.05 -3.01 -44.68
CA PRO A 461 -1.27 -2.87 -44.04
C PRO A 461 -2.02 -4.18 -43.81
N GLY A 462 -2.72 -4.26 -42.67
CA GLY A 462 -3.46 -5.46 -42.35
C GLY A 462 -2.64 -6.48 -41.57
N LEU A 463 -1.32 -6.44 -41.75
CA LEU A 463 -0.43 -7.35 -41.06
C LEU A 463 -0.12 -6.83 -39.68
N PHE A 464 -0.42 -7.62 -38.65
CA PHE A 464 -0.16 -7.23 -37.27
C PHE A 464 0.68 -8.30 -36.59
N TYR A 465 1.78 -7.87 -36.00
CA TYR A 465 2.65 -8.81 -35.31
C TYR A 465 2.21 -8.83 -33.86
N ALA A 466 2.34 -9.98 -33.22
CA ALA A 466 1.96 -10.11 -31.82
C ALA A 466 2.71 -11.25 -31.17
N GLY A 467 4.00 -11.36 -31.47
CA GLY A 467 4.79 -12.42 -30.87
C GLY A 467 5.00 -12.19 -29.38
N ASN A 468 6.20 -12.51 -28.91
CA ASN A 468 6.54 -12.32 -27.52
C ASN A 468 7.91 -11.64 -27.50
N HIS A 469 8.30 -11.16 -28.67
CA HIS A 469 9.55 -10.45 -28.82
C HIS A 469 9.23 -8.97 -28.61
N ARG A 470 7.97 -8.70 -28.26
CA ARG A 470 7.56 -7.32 -28.02
C ARG A 470 7.06 -7.14 -26.58
N GLY A 471 5.82 -7.50 -26.33
CA GLY A 471 5.26 -7.34 -25.00
C GLY A 471 6.05 -7.89 -23.82
N GLY A 472 6.68 -9.04 -24.01
CA GLY A 472 7.43 -9.65 -22.92
C GLY A 472 7.29 -11.15 -22.97
N LEU A 473 8.22 -11.86 -22.32
CA LEU A 473 8.19 -13.30 -22.32
C LEU A 473 7.56 -13.93 -21.10
N SER A 474 6.28 -14.23 -21.20
CA SER A 474 5.50 -14.87 -20.14
C SER A 474 4.11 -15.18 -20.71
N VAL A 475 3.61 -16.37 -20.43
CA VAL A 475 2.30 -16.77 -20.92
C VAL A 475 1.34 -15.59 -20.87
N GLY A 476 1.17 -15.03 -19.68
CA GLY A 476 0.27 -13.92 -19.52
C GLY A 476 0.46 -12.78 -20.51
N LYS A 477 1.70 -12.34 -20.72
CA LYS A 477 1.97 -11.23 -21.65
C LYS A 477 1.65 -11.57 -23.10
N ALA A 478 2.08 -12.74 -23.57
CA ALA A 478 1.82 -13.16 -24.94
C ALA A 478 0.31 -13.21 -25.16
N LEU A 479 -0.39 -13.78 -24.19
CA LEU A 479 -1.84 -13.89 -24.26
C LEU A 479 -2.42 -12.52 -24.58
N SER A 480 -1.94 -11.51 -23.87
CA SER A 480 -2.40 -10.14 -24.07
C SER A 480 -2.03 -9.56 -25.42
N SER A 481 -0.85 -9.88 -25.94
CA SER A 481 -0.48 -9.33 -27.21
C SER A 481 -1.34 -9.99 -28.28
N GLY A 482 -1.86 -11.16 -27.96
CA GLY A 482 -2.73 -11.86 -28.89
C GLY A 482 -4.08 -11.17 -28.96
N CYS A 483 -4.65 -10.89 -27.78
CA CYS A 483 -5.94 -10.21 -27.71
C CYS A 483 -5.84 -8.85 -28.35
N ASN A 484 -4.83 -8.11 -27.93
CA ASN A 484 -4.61 -6.77 -28.41
C ASN A 484 -4.38 -6.72 -29.91
N ALA A 485 -3.98 -7.85 -30.49
CA ALA A 485 -3.74 -7.93 -31.92
C ALA A 485 -5.07 -8.14 -32.63
N ALA A 486 -5.93 -8.92 -32.00
CA ALA A 486 -7.23 -9.22 -32.57
C ALA A 486 -8.09 -7.98 -32.71
N ASP A 487 -8.21 -7.18 -31.66
CA ASP A 487 -9.07 -6.01 -31.81
C ASP A 487 -8.40 -4.86 -32.56
N LEU A 488 -7.15 -5.06 -32.94
CA LEU A 488 -6.42 -4.07 -33.70
C LEU A 488 -6.82 -4.41 -35.15
N VAL A 489 -6.89 -5.70 -35.42
CA VAL A 489 -7.32 -6.20 -36.73
C VAL A 489 -8.76 -5.75 -36.94
N ILE A 490 -9.54 -5.85 -35.86
CA ILE A 490 -10.96 -5.48 -35.87
C ILE A 490 -11.25 -4.02 -36.24
N SER A 491 -10.58 -3.07 -35.60
CA SER A 491 -10.87 -1.67 -35.94
C SER A 491 -10.21 -1.25 -37.23
N TYR A 492 -9.61 -2.20 -37.93
CA TYR A 492 -8.95 -1.93 -39.20
C TYR A 492 -9.86 -2.45 -40.28
N LEU A 493 -10.45 -3.61 -40.03
CA LEU A 493 -11.38 -4.19 -40.97
C LEU A 493 -12.66 -3.35 -40.99
N GLU A 494 -12.91 -2.60 -39.92
CA GLU A 494 -14.11 -1.77 -39.79
C GLU A 494 -13.87 -0.29 -40.02
N SER A 495 -12.62 0.11 -40.22
CA SER A 495 -12.36 1.52 -40.46
C SER A 495 -12.81 1.83 -41.87
N VAL A 496 -13.02 0.78 -42.65
CA VAL A 496 -13.44 0.91 -44.03
C VAL A 496 -14.53 1.99 -44.27
N SER A 497 -15.78 1.55 -44.42
CA SER A 497 -16.93 2.46 -44.65
C SER A 497 -17.00 3.01 -46.08
N ALA B 13 -36.36 0.77 33.70
CA ALA B 13 -35.97 1.83 34.67
C ALA B 13 -34.46 1.80 34.97
N LYS B 14 -33.66 1.57 33.93
CA LYS B 14 -32.20 1.52 34.05
C LYS B 14 -31.58 2.93 33.95
N ARG B 15 -31.05 3.42 35.08
CA ARG B 15 -30.46 4.75 35.16
C ARG B 15 -28.95 4.79 34.85
N VAL B 16 -28.60 5.53 33.79
CA VAL B 16 -27.20 5.66 33.38
C VAL B 16 -26.80 7.12 33.38
N ALA B 17 -25.94 7.51 34.31
CA ALA B 17 -25.45 8.90 34.40
C ALA B 17 -24.09 9.01 33.73
N VAL B 18 -23.92 10.07 32.95
CA VAL B 18 -22.68 10.34 32.24
C VAL B 18 -22.25 11.71 32.73
N ILE B 19 -21.07 11.82 33.32
CA ILE B 19 -20.59 13.09 33.84
C ILE B 19 -19.72 13.88 32.85
N GLY B 20 -20.29 14.94 32.29
CA GLY B 20 -19.58 15.75 31.32
C GLY B 20 -20.23 15.62 29.95
N ALA B 21 -20.54 16.75 29.34
CA ALA B 21 -21.18 16.71 28.04
C ALA B 21 -20.25 16.99 26.87
N GLY B 22 -18.97 16.61 27.02
CA GLY B 22 -18.01 16.81 25.95
C GLY B 22 -18.31 15.85 24.81
N VAL B 23 -17.49 15.84 23.76
CA VAL B 23 -17.76 14.91 22.68
C VAL B 23 -17.82 13.50 23.23
N SER B 24 -16.90 13.17 24.14
CA SER B 24 -16.83 11.86 24.77
C SER B 24 -18.11 11.47 25.48
N GLY B 25 -18.60 12.37 26.34
CA GLY B 25 -19.84 12.11 27.06
C GLY B 25 -21.03 11.95 26.13
N LEU B 26 -21.15 12.88 25.18
CA LEU B 26 -22.23 12.89 24.20
C LEU B 26 -22.20 11.64 23.32
N ALA B 27 -20.99 11.17 23.04
CA ALA B 27 -20.85 9.96 22.23
C ALA B 27 -21.41 8.80 23.07
N ALA B 28 -20.98 8.76 24.33
CA ALA B 28 -21.41 7.70 25.24
C ALA B 28 -22.92 7.73 25.48
N ALA B 29 -23.47 8.92 25.72
CA ALA B 29 -24.90 9.07 25.98
C ALA B 29 -25.72 8.74 24.74
N TYR B 30 -25.15 8.96 23.57
CA TYR B 30 -25.87 8.64 22.34
C TYR B 30 -25.88 7.12 22.09
N LYS B 31 -24.72 6.50 22.15
CA LYS B 31 -24.59 5.06 21.94
C LYS B 31 -25.56 4.34 22.89
N LEU B 32 -25.68 4.87 24.10
CA LEU B 32 -26.57 4.31 25.11
C LEU B 32 -28.02 4.39 24.67
N LYS B 33 -28.48 5.62 24.45
CA LYS B 33 -29.86 5.87 24.05
C LYS B 33 -30.40 5.00 22.92
N ILE B 34 -29.60 4.80 21.86
CA ILE B 34 -30.09 3.99 20.75
C ILE B 34 -30.08 2.49 21.06
N HIS B 35 -29.95 2.16 22.35
CA HIS B 35 -29.97 0.78 22.81
C HIS B 35 -30.85 0.78 24.07
N GLY B 36 -31.94 1.53 23.99
CA GLY B 36 -32.87 1.60 25.10
C GLY B 36 -32.41 2.49 26.25
N LEU B 37 -31.60 1.93 27.13
CA LEU B 37 -31.11 2.63 28.32
C LEU B 37 -31.40 4.13 28.43
N ASN B 38 -32.15 4.48 29.48
CA ASN B 38 -32.48 5.88 29.75
C ASN B 38 -31.19 6.54 30.25
N VAL B 39 -30.94 7.78 29.84
CA VAL B 39 -29.72 8.47 30.25
C VAL B 39 -29.93 9.87 30.80
N THR B 40 -28.96 10.32 31.58
CA THR B 40 -28.94 11.66 32.16
C THR B 40 -27.50 12.15 32.05
N VAL B 41 -27.32 13.37 31.56
CA VAL B 41 -25.98 13.94 31.38
C VAL B 41 -25.78 15.22 32.19
N PHE B 42 -24.84 15.19 33.13
CA PHE B 42 -24.54 16.37 33.94
C PHE B 42 -23.41 17.14 33.27
N GLU B 43 -23.64 18.43 33.05
CA GLU B 43 -22.67 19.29 32.39
C GLU B 43 -22.42 20.56 33.21
N ALA B 44 -21.27 20.62 33.87
CA ALA B 44 -20.91 21.75 34.71
C ALA B 44 -21.07 23.12 34.06
N GLU B 45 -20.74 23.23 32.77
CA GLU B 45 -20.82 24.50 32.05
C GLU B 45 -22.21 24.86 31.52
N GLY B 46 -22.39 26.11 31.13
CA GLY B 46 -23.67 26.56 30.61
C GLY B 46 -24.09 26.00 29.25
N LYS B 47 -23.13 25.69 28.38
CA LYS B 47 -23.46 25.13 27.08
C LYS B 47 -22.86 23.72 26.94
N ALA B 48 -23.57 22.86 26.22
CA ALA B 48 -23.14 21.49 26.03
C ALA B 48 -21.72 21.35 25.52
N GLY B 49 -21.44 21.87 24.32
CA GLY B 49 -20.10 21.77 23.76
C GLY B 49 -18.98 21.38 24.73
N GLY B 50 -18.13 20.43 24.35
CA GLY B 50 -17.05 20.05 25.24
C GLY B 50 -15.90 20.99 24.96
N LYS B 51 -14.79 20.45 24.51
CA LYS B 51 -13.66 21.29 24.15
C LYS B 51 -14.03 21.76 22.76
N LEU B 52 -15.15 21.25 22.23
CA LEU B 52 -15.66 21.67 20.93
C LEU B 52 -16.47 22.93 21.25
N ARG B 53 -16.06 24.08 20.69
CA ARG B 53 -16.70 25.34 20.98
C ARG B 53 -16.68 26.31 19.79
N SER B 54 -17.78 26.34 19.03
CA SER B 54 -17.88 27.23 17.87
C SER B 54 -18.57 28.56 18.19
N VAL B 55 -18.07 29.64 17.60
CA VAL B 55 -18.68 30.95 17.81
C VAL B 55 -19.00 31.58 16.48
N SER B 56 -20.26 31.94 16.28
CA SER B 56 -20.68 32.51 15.02
C SER B 56 -21.17 33.95 15.16
N GLN B 57 -20.24 34.90 15.19
CA GLN B 57 -20.59 36.32 15.28
C GLN B 57 -19.65 37.20 14.47
N ASP B 58 -20.12 38.40 14.12
CA ASP B 58 -19.34 39.39 13.34
C ASP B 58 -18.89 38.92 11.96
N GLY B 59 -19.82 38.40 11.17
CA GLY B 59 -19.49 37.92 9.85
C GLY B 59 -18.40 36.86 9.88
N LEU B 60 -17.97 36.54 11.10
CA LEU B 60 -16.92 35.54 11.29
C LEU B 60 -17.52 34.28 11.89
N ILE B 61 -16.82 33.18 11.71
CA ILE B 61 -17.22 31.89 12.28
C ILE B 61 -15.92 31.23 12.69
N TRP B 62 -15.73 31.02 13.99
CA TRP B 62 -14.50 30.41 14.43
C TRP B 62 -14.69 29.39 15.54
N ASP B 63 -13.64 28.62 15.80
CA ASP B 63 -13.63 27.61 16.83
C ASP B 63 -12.60 28.00 17.90
N GLU B 64 -13.05 28.11 19.14
CA GLU B 64 -12.17 28.47 20.25
C GLU B 64 -11.53 27.21 20.82
N GLY B 65 -12.03 26.05 20.37
CA GLY B 65 -11.50 24.78 20.81
C GLY B 65 -10.95 23.97 19.65
N ALA B 66 -11.38 22.72 19.53
CA ALA B 66 -10.91 21.87 18.44
C ALA B 66 -11.30 22.47 17.12
N ASN B 67 -10.35 22.60 16.21
CA ASN B 67 -10.61 23.20 14.90
C ASN B 67 -10.88 22.23 13.78
N THR B 68 -10.27 21.06 13.88
CA THR B 68 -10.44 20.07 12.85
C THR B 68 -10.49 18.69 13.48
N THR B 70 -10.68 14.04 12.40
CA THR B 70 -10.56 12.99 11.38
C THR B 70 -11.36 11.75 11.74
N GLU B 71 -11.64 10.89 10.77
CA GLU B 71 -12.38 9.68 11.09
C GLU B 71 -11.51 8.47 10.84
N SER B 72 -10.47 8.36 11.66
CA SER B 72 -9.53 7.24 11.59
C SER B 72 -10.08 6.19 12.55
N GLU B 73 -11.17 6.56 13.22
CA GLU B 73 -11.83 5.69 14.17
C GLU B 73 -13.17 5.24 13.57
N GLY B 74 -13.48 3.96 13.75
CA GLY B 74 -14.72 3.43 13.21
C GLY B 74 -15.91 4.17 13.79
N ASP B 75 -15.87 4.41 15.10
CA ASP B 75 -16.94 5.10 15.77
C ASP B 75 -17.21 6.51 15.22
N VAL B 76 -16.18 7.18 14.71
CA VAL B 76 -16.39 8.52 14.17
C VAL B 76 -17.23 8.43 12.92
N THR B 77 -16.92 7.44 12.08
CA THR B 77 -17.68 7.28 10.83
C THR B 77 -19.11 6.90 11.16
N PHE B 78 -19.26 6.01 12.14
CA PHE B 78 -20.58 5.56 12.56
C PHE B 78 -21.43 6.73 13.00
N LEU B 79 -20.88 7.59 13.87
CA LEU B 79 -21.64 8.75 14.35
C LEU B 79 -21.94 9.75 13.25
N ILE B 80 -20.98 9.99 12.37
CA ILE B 80 -21.22 10.94 11.28
C ILE B 80 -22.44 10.50 10.50
N ASP B 81 -22.62 9.18 10.38
CA ASP B 81 -23.75 8.60 9.65
C ASP B 81 -25.07 8.58 10.43
N SER B 82 -25.04 8.09 11.67
CA SER B 82 -26.25 8.05 12.49
C SER B 82 -26.88 9.43 12.51
N LEU B 83 -26.16 10.39 13.05
CA LEU B 83 -26.65 11.76 13.14
C LEU B 83 -26.85 12.40 11.76
N GLY B 84 -26.43 11.70 10.70
CA GLY B 84 -26.58 12.24 9.36
C GLY B 84 -25.93 13.59 9.15
N LEU B 85 -24.62 13.67 9.41
CA LEU B 85 -23.87 14.91 9.28
C LEU B 85 -23.03 14.98 8.02
N ARG B 86 -23.16 14.00 7.14
CA ARG B 86 -22.37 14.00 5.90
C ARG B 86 -22.47 15.29 5.13
N GLU B 87 -23.68 15.81 4.99
CA GLU B 87 -23.91 17.05 4.25
C GLU B 87 -23.25 18.25 4.92
N LYS B 88 -23.08 18.17 6.24
CA LYS B 88 -22.48 19.25 7.03
C LYS B 88 -20.98 19.09 7.20
N GLN B 89 -20.45 17.95 6.76
CA GLN B 89 -19.02 17.70 6.85
C GLN B 89 -18.33 18.63 5.86
N GLN B 90 -17.35 19.38 6.33
CA GLN B 90 -16.64 20.35 5.50
C GLN B 90 -15.12 20.16 5.48
N PHE B 91 -14.57 20.00 4.29
CA PHE B 91 -13.13 19.84 4.09
C PHE B 91 -12.49 21.16 3.70
N PRO B 92 -11.17 21.27 3.87
CA PRO B 92 -10.49 22.52 3.52
C PRO B 92 -10.49 22.71 2.00
N LEU B 93 -10.59 23.96 1.57
CA LEU B 93 -10.59 24.25 0.13
C LEU B 93 -9.15 24.45 -0.30
N SER B 94 -8.31 24.87 0.63
CA SER B 94 -6.90 25.10 0.32
C SER B 94 -6.10 23.80 0.28
N GLN B 95 -4.92 23.86 -0.32
CA GLN B 95 -4.03 22.71 -0.45
C GLN B 95 -3.44 22.31 0.90
N ASN B 96 -3.38 21.01 1.18
CA ASN B 96 -2.81 20.56 2.43
C ASN B 96 -1.29 20.79 2.36
N LYS B 97 -0.87 21.93 2.87
CA LYS B 97 0.53 22.31 2.89
C LYS B 97 0.70 22.99 4.24
N ARG B 98 1.64 22.50 5.03
CA ARG B 98 1.90 23.10 6.33
C ARG B 98 3.27 23.73 6.24
N TYR B 99 3.53 24.73 7.06
CA TYR B 99 4.82 25.37 7.08
C TYR B 99 5.42 25.28 8.46
N ILE B 100 6.74 25.41 8.53
CA ILE B 100 7.43 25.36 9.80
C ILE B 100 8.23 26.67 9.85
N ALA B 101 8.31 27.28 11.02
CA ALA B 101 9.06 28.50 11.15
C ALA B 101 10.52 28.07 11.35
N ARG B 102 11.40 28.58 10.50
CA ARG B 102 12.81 28.21 10.55
C ARG B 102 13.71 29.42 10.44
N ASN B 103 14.57 29.57 11.44
CA ASN B 103 15.52 30.67 11.44
C ASN B 103 14.79 32.02 11.38
N GLY B 104 13.47 31.97 11.25
CA GLY B 104 12.69 33.18 11.21
C GLY B 104 11.56 33.22 10.19
N THR B 105 11.49 32.24 9.31
CA THR B 105 10.44 32.26 8.29
C THR B 105 9.80 30.91 7.97
N PRO B 106 8.61 30.92 7.33
CA PRO B 106 7.93 29.67 6.99
C PRO B 106 8.79 28.87 6.01
N VAL B 107 8.65 27.56 6.05
CA VAL B 107 9.39 26.67 5.17
C VAL B 107 8.43 25.54 4.89
N LEU B 108 8.04 25.36 3.63
CA LEU B 108 7.12 24.28 3.33
C LEU B 108 7.60 22.96 3.94
N LEU B 109 6.66 22.20 4.47
CA LEU B 109 6.98 20.94 5.09
C LEU B 109 6.64 19.84 4.11
N PRO B 110 7.44 18.77 4.08
CA PRO B 110 7.23 17.63 3.19
C PRO B 110 5.86 17.00 3.48
N SER B 111 4.95 17.03 2.51
CA SER B 111 3.61 16.48 2.72
C SER B 111 3.65 15.06 3.26
N ASN B 112 4.30 14.17 2.53
CA ASN B 112 4.40 12.79 2.99
C ASN B 112 5.85 12.33 3.03
N PRO B 113 6.25 11.68 4.15
CA PRO B 113 7.61 11.16 4.36
C PRO B 113 8.16 10.31 3.20
N ILE B 114 8.87 10.97 2.29
CA ILE B 114 9.47 10.33 1.12
C ILE B 114 10.05 11.45 0.25
N ASP B 115 9.44 12.63 0.37
CA ASP B 115 9.92 13.81 -0.32
C ASP B 115 10.87 14.34 0.77
N LEU B 116 10.85 13.61 1.88
CA LEU B 116 11.64 13.92 3.05
C LEU B 116 13.11 13.68 2.80
N ILE B 117 13.43 13.21 1.61
CA ILE B 117 14.80 12.93 1.23
C ILE B 117 15.14 13.63 -0.09
N LYS B 118 14.10 13.91 -0.88
CA LYS B 118 14.27 14.60 -2.16
C LYS B 118 14.27 16.10 -1.91
N SER B 119 13.45 16.53 -0.95
CA SER B 119 13.30 17.93 -0.57
C SER B 119 14.48 18.37 0.28
N ASN B 120 14.62 19.67 0.50
CA ASN B 120 15.73 20.18 1.30
C ASN B 120 15.30 20.63 2.69
N PHE B 121 14.27 20.00 3.24
CA PHE B 121 13.83 20.38 4.56
C PHE B 121 14.88 19.96 5.55
N LEU B 122 15.48 18.78 5.31
CA LEU B 122 16.53 18.25 6.19
C LEU B 122 17.91 18.39 5.57
N SER B 123 18.93 18.30 6.40
CA SER B 123 20.29 18.37 5.93
C SER B 123 20.74 17.01 5.36
N THR B 124 21.78 17.04 4.54
CA THR B 124 22.30 15.80 4.00
C THR B 124 22.69 14.94 5.19
N GLY B 125 23.27 15.59 6.19
CA GLY B 125 23.65 14.87 7.39
C GLY B 125 22.45 14.18 8.01
N SER B 126 21.36 14.92 8.20
CA SER B 126 20.15 14.36 8.81
C SER B 126 19.49 13.25 7.99
N LYS B 127 19.89 13.14 6.72
CA LYS B 127 19.33 12.09 5.90
C LYS B 127 20.25 10.87 6.06
N LEU B 128 21.55 11.10 6.19
CA LEU B 128 22.46 9.98 6.36
C LEU B 128 22.09 9.25 7.66
N GLN B 129 21.99 10.01 8.75
CA GLN B 129 21.66 9.42 10.04
C GLN B 129 20.33 8.66 9.96
N LEU B 131 18.75 7.35 6.90
CA LEU B 131 18.88 6.19 6.04
C LEU B 131 19.67 5.06 6.72
N LEU B 132 20.73 5.41 7.46
CA LEU B 132 21.52 4.41 8.15
C LEU B 132 20.91 3.98 9.49
N GLU B 133 19.81 4.61 9.85
CA GLU B 133 19.12 4.29 11.10
C GLU B 133 18.85 2.79 11.22
N PRO B 134 18.48 2.13 10.10
CA PRO B 134 18.20 0.70 10.10
C PRO B 134 19.37 -0.14 10.57
N ILE B 135 20.59 0.34 10.32
CA ILE B 135 21.80 -0.35 10.74
C ILE B 135 22.30 0.10 12.11
N LEU B 136 22.38 1.41 12.33
CA LEU B 136 22.84 1.96 13.61
C LEU B 136 21.83 1.71 14.73
N TRP B 137 20.65 1.22 14.38
CA TRP B 137 19.60 0.95 15.37
C TRP B 137 18.54 -0.06 14.90
N SER B 148 11.28 2.51 29.21
CA SER B 148 10.69 2.60 30.55
C SER B 148 10.01 3.96 30.69
N HIS B 149 10.76 4.99 30.34
CA HIS B 149 10.29 6.36 30.38
C HIS B 149 10.76 6.99 29.08
N GLU B 150 11.94 7.59 29.14
CA GLU B 150 12.55 8.21 27.98
C GLU B 150 11.56 9.07 27.19
N SER B 151 11.78 10.37 27.27
CA SER B 151 10.93 11.34 26.61
C SER B 151 10.90 11.21 25.09
N VAL B 152 9.81 11.71 24.51
CA VAL B 152 9.62 11.71 23.06
C VAL B 152 10.91 12.26 22.49
N SER B 153 11.42 13.31 23.13
CA SER B 153 12.62 14.00 22.73
C SER B 153 13.88 13.13 22.77
N GLY B 154 14.09 12.40 23.85
CA GLY B 154 15.27 11.56 23.95
C GLY B 154 15.31 10.47 22.89
N PHE B 155 14.20 9.75 22.79
CA PHE B 155 14.06 8.69 21.81
C PHE B 155 14.45 9.25 20.45
N PHE B 156 13.60 10.11 19.89
CA PHE B 156 13.88 10.68 18.59
C PHE B 156 15.27 11.26 18.43
N GLN B 157 15.80 11.84 19.50
CA GLN B 157 17.14 12.41 19.45
C GLN B 157 18.17 11.36 19.06
N ARG B 158 18.31 10.33 19.90
CA ARG B 158 19.28 9.27 19.68
C ARG B 158 19.11 8.56 18.34
N HIS B 159 17.87 8.44 17.88
CA HIS B 159 17.62 7.75 16.61
C HIS B 159 17.86 8.56 15.35
N PHE B 160 17.23 9.72 15.25
CA PHE B 160 17.36 10.52 14.03
C PHE B 160 18.13 11.83 14.12
N GLY B 161 18.56 12.21 15.31
CA GLY B 161 19.31 13.44 15.40
C GLY B 161 18.53 14.62 15.93
N LYS B 162 19.26 15.69 16.26
CA LYS B 162 18.67 16.90 16.83
C LYS B 162 17.83 17.76 15.87
N GLU B 163 18.27 17.86 14.61
CA GLU B 163 17.53 18.64 13.64
C GLU B 163 16.13 18.09 13.45
N VAL B 164 16.02 16.76 13.40
CA VAL B 164 14.74 16.14 13.23
C VAL B 164 13.87 16.32 14.47
N VAL B 165 14.49 16.41 15.64
CA VAL B 165 13.70 16.62 16.86
C VAL B 165 13.21 18.08 16.90
N ASP B 166 14.13 19.00 16.63
CA ASP B 166 13.85 20.43 16.62
C ASP B 166 12.88 20.92 15.56
N TYR B 167 13.08 20.52 14.31
CA TYR B 167 12.19 21.02 13.29
C TYR B 167 11.21 20.04 12.67
N LEU B 168 10.99 18.91 13.34
CA LEU B 168 10.03 17.95 12.82
C LEU B 168 9.16 17.39 13.92
N ILE B 169 9.68 16.53 14.77
CA ILE B 169 8.81 16.00 15.80
C ILE B 169 8.34 17.05 16.80
N ASP B 170 9.12 18.11 17.05
CA ASP B 170 8.66 19.14 17.99
C ASP B 170 7.47 19.90 17.40
N PRO B 171 7.60 20.46 16.18
CA PRO B 171 6.45 21.18 15.63
C PRO B 171 5.21 20.29 15.69
N PHE B 172 5.41 19.01 15.48
CA PHE B 172 4.32 18.04 15.52
C PHE B 172 3.65 18.00 16.89
N VAL B 173 4.47 17.88 17.93
CA VAL B 173 3.91 17.84 19.27
C VAL B 173 3.26 19.20 19.57
N ALA B 174 3.93 20.28 19.21
CA ALA B 174 3.38 21.60 19.44
C ALA B 174 2.00 21.68 18.78
N GLY B 175 1.88 21.11 17.59
CA GLY B 175 0.62 21.16 16.89
C GLY B 175 -0.43 20.17 17.40
N THR B 176 -0.03 19.28 18.30
CA THR B 176 -1.00 18.31 18.80
C THR B 176 -1.52 18.58 20.20
N CYS B 177 -0.69 19.21 21.03
CA CYS B 177 -1.11 19.52 22.40
C CYS B 177 -0.38 20.74 22.93
N GLY B 178 0.39 21.38 22.06
CA GLY B 178 1.13 22.57 22.45
C GLY B 178 2.19 22.25 23.49
N GLY B 179 2.44 20.95 23.65
CA GLY B 179 3.43 20.52 24.63
C GLY B 179 4.87 20.54 24.16
N ASP B 180 5.77 20.06 25.01
CA ASP B 180 7.20 20.01 24.71
C ASP B 180 7.76 18.58 24.75
N PRO B 181 8.43 18.16 23.66
CA PRO B 181 9.05 16.84 23.45
C PRO B 181 9.82 16.32 24.65
N ASP B 182 10.51 17.21 25.34
CA ASP B 182 11.32 16.82 26.49
C ASP B 182 10.55 16.31 27.69
N SER B 183 9.27 16.65 27.80
CA SER B 183 8.47 16.20 28.95
C SER B 183 7.26 15.36 28.56
N LEU B 184 7.46 14.44 27.63
CA LEU B 184 6.38 13.58 27.19
C LEU B 184 6.90 12.16 27.17
N SER B 185 6.11 11.22 27.68
CA SER B 185 6.49 9.82 27.69
C SER B 185 6.48 9.35 26.26
N HIS B 187 6.69 6.30 25.24
CA HIS B 187 5.79 5.15 25.30
C HIS B 187 4.31 5.52 25.20
N HIS B 188 3.87 6.45 26.03
CA HIS B 188 2.48 6.91 26.09
C HIS B 188 2.08 7.82 24.93
N SER B 189 2.99 8.66 24.46
CA SER B 189 2.68 9.57 23.37
C SER B 189 2.61 8.85 22.03
N PHE B 190 3.65 8.08 21.69
CA PHE B 190 3.63 7.36 20.42
C PHE B 190 3.66 5.85 20.69
N PRO B 191 2.50 5.24 20.91
CA PRO B 191 2.42 3.80 21.17
C PRO B 191 2.81 3.02 19.92
N GLU B 192 2.19 3.40 18.80
CA GLU B 192 2.44 2.75 17.52
C GLU B 192 3.92 2.72 17.12
N LEU B 193 4.76 3.45 17.85
CA LEU B 193 6.19 3.48 17.55
C LEU B 193 7.03 2.85 18.65
N TRP B 194 6.58 2.97 19.90
CA TRP B 194 7.32 2.36 21.01
C TRP B 194 7.31 0.84 20.85
N ASN B 195 6.25 0.32 20.24
CA ASN B 195 6.12 -1.12 20.01
C ASN B 195 7.15 -1.57 19.00
N LEU B 196 7.10 -1.00 17.80
CA LEU B 196 8.03 -1.34 16.73
C LEU B 196 9.50 -1.38 17.17
N GLU B 197 9.93 -0.46 18.03
CA GLU B 197 11.31 -0.48 18.48
C GLU B 197 11.54 -1.72 19.33
N LYS B 198 10.57 -2.03 20.19
CA LYS B 198 10.68 -3.21 21.06
C LYS B 198 10.92 -4.49 20.24
N ARG B 199 10.12 -4.66 19.19
CA ARG B 199 10.21 -5.82 18.31
C ARG B 199 11.33 -5.65 17.27
N PHE B 200 11.02 -4.94 16.19
CA PHE B 200 11.97 -4.72 15.11
C PHE B 200 13.30 -4.06 15.54
N GLY B 201 13.25 -3.08 16.44
CA GLY B 201 14.49 -2.45 16.88
C GLY B 201 14.92 -1.17 16.17
N SER B 202 14.46 -0.96 14.95
CA SER B 202 14.83 0.24 14.24
C SER B 202 13.59 0.84 13.61
N VAL B 203 13.13 1.94 14.18
CA VAL B 203 11.93 2.60 13.69
C VAL B 203 11.76 2.50 12.19
N ILE B 204 12.66 3.16 11.45
CA ILE B 204 12.59 3.19 10.00
C ILE B 204 12.20 1.87 9.37
N LEU B 205 12.89 0.81 9.79
CA LEU B 205 12.63 -0.50 9.23
C LEU B 205 11.23 -0.95 9.60
N GLY B 206 10.88 -0.79 10.88
CA GLY B 206 9.57 -1.17 11.35
C GLY B 206 8.48 -0.47 10.56
N ALA B 207 8.49 0.86 10.57
CA ALA B 207 7.49 1.63 9.83
C ALA B 207 7.29 1.07 8.43
N ILE B 208 8.39 0.77 7.74
CA ILE B 208 8.29 0.21 6.41
C ILE B 208 7.54 -1.12 6.43
N ARG B 209 7.69 -1.89 7.51
CA ARG B 209 6.98 -3.16 7.63
C ARG B 209 5.64 -2.96 8.36
N SER B 210 4.94 -1.87 8.01
CA SER B 210 3.65 -1.55 8.61
C SER B 210 3.02 -0.33 7.95
N LYS B 211 3.61 0.11 6.85
CA LYS B 211 3.10 1.24 6.06
C LYS B 211 2.85 0.63 4.69
N LEU B 212 3.40 -0.57 4.53
CA LEU B 212 3.28 -1.38 3.32
C LEU B 212 3.44 -2.82 3.84
N SER B 213 2.70 -3.09 4.92
CA SER B 213 2.72 -4.39 5.58
C SER B 213 2.82 -5.56 4.60
N LYS B 224 -19.00 3.36 3.60
CA LYS B 224 -18.44 2.93 2.32
C LYS B 224 -18.77 3.93 1.21
N THR B 225 -17.79 4.77 0.87
CA THR B 225 -17.95 5.78 -0.16
C THR B 225 -17.05 5.53 -1.36
N SER B 226 -17.07 6.45 -2.31
CA SER B 226 -16.25 6.35 -3.52
C SER B 226 -14.96 7.11 -3.26
N ALA B 227 -15.08 8.15 -2.43
CA ALA B 227 -13.95 8.99 -2.04
C ALA B 227 -13.78 8.79 -0.54
N ASN B 228 -13.93 7.53 -0.12
CA ASN B 228 -13.83 7.15 1.28
C ASN B 228 -12.49 7.48 1.94
N LYS B 229 -11.43 6.83 1.49
CA LYS B 229 -10.09 7.04 2.03
C LYS B 229 -9.69 8.50 2.15
N LYS B 230 -9.61 9.19 1.00
CA LYS B 230 -9.24 10.59 0.99
C LYS B 230 -9.97 11.37 2.08
N ARG B 231 -11.14 10.88 2.45
CA ARG B 231 -11.96 11.51 3.48
C ARG B 231 -11.69 10.84 4.84
N GLN B 232 -11.48 9.53 4.81
CA GLN B 232 -11.20 8.78 6.03
C GLN B 232 -9.99 9.47 6.64
N ARG B 233 -9.07 9.85 5.74
CA ARG B 233 -7.85 10.57 6.10
C ARG B 233 -8.07 12.04 5.70
N GLY B 234 -7.15 12.91 6.08
CA GLY B 234 -7.32 14.32 5.76
C GLY B 234 -8.29 14.84 6.80
N SER B 235 -7.86 15.82 7.59
CA SER B 235 -8.71 16.38 8.63
C SER B 235 -9.82 17.24 8.02
N PHE B 236 -10.91 17.41 8.76
CA PHE B 236 -12.05 18.20 8.30
C PHE B 236 -12.82 18.83 9.47
N SER B 237 -13.94 19.46 9.16
CA SER B 237 -14.78 20.08 10.17
C SER B 237 -16.25 20.03 9.70
N PHE B 238 -17.07 20.98 10.16
CA PHE B 238 -18.48 21.02 9.77
C PHE B 238 -18.93 22.45 9.61
N LEU B 239 -19.75 22.71 8.60
CA LEU B 239 -20.25 24.06 8.37
C LEU B 239 -20.71 24.63 9.70
N GLY B 240 -20.06 25.72 10.13
CA GLY B 240 -20.44 26.34 11.39
C GLY B 240 -19.46 26.11 12.53
N GLY B 241 -18.51 25.19 12.34
CA GLY B 241 -17.54 24.92 13.38
C GLY B 241 -17.61 23.51 13.93
N GLN B 243 -18.39 22.55 16.77
CA GLN B 243 -19.52 22.37 17.68
C GLN B 243 -20.73 21.72 17.01
N THR B 244 -20.87 21.88 15.70
CA THR B 244 -22.02 21.30 14.98
C THR B 244 -22.20 19.81 15.25
N LEU B 245 -21.10 19.10 15.49
CA LEU B 245 -21.15 17.67 15.78
C LEU B 245 -21.80 17.49 17.15
N THR B 246 -21.27 18.20 18.12
CA THR B 246 -21.80 18.14 19.47
C THR B 246 -23.31 18.42 19.48
N ASP B 247 -23.74 19.42 18.70
CA ASP B 247 -25.15 19.81 18.65
C ASP B 247 -26.05 18.76 18.05
N ALA B 248 -25.54 18.02 17.06
CA ALA B 248 -26.34 16.99 16.44
C ALA B 248 -26.72 15.95 17.48
N ILE B 249 -25.79 15.63 18.38
CA ILE B 249 -26.05 14.65 19.42
C ILE B 249 -27.04 15.19 20.43
N CYS B 250 -27.01 16.50 20.66
CA CYS B 250 -27.90 17.14 21.64
C CYS B 250 -29.34 17.28 21.20
N LYS B 251 -29.58 17.21 19.90
CA LYS B 251 -30.94 17.33 19.39
C LYS B 251 -31.61 15.96 19.46
N ASP B 252 -30.89 15.00 20.06
CA ASP B 252 -31.40 13.65 20.22
C ASP B 252 -31.29 13.25 21.68
N LEU B 253 -31.57 14.19 22.55
CA LEU B 253 -31.53 13.97 23.99
C LEU B 253 -32.55 14.91 24.64
N ARG B 254 -33.74 14.39 24.93
CA ARG B 254 -34.80 15.19 25.53
C ARG B 254 -34.34 16.06 26.70
N GLU B 255 -35.18 17.01 27.06
CA GLU B 255 -34.90 17.95 28.15
C GLU B 255 -34.46 17.31 29.47
N ASP B 256 -34.93 16.09 29.71
CA ASP B 256 -34.59 15.38 30.94
C ASP B 256 -33.24 14.67 30.81
N GLU B 257 -32.64 14.80 29.64
CA GLU B 257 -31.36 14.17 29.36
C GLU B 257 -30.13 15.02 29.67
N LEU B 258 -30.13 16.26 29.17
CA LEU B 258 -29.00 17.16 29.37
C LEU B 258 -29.26 18.17 30.48
N ARG B 259 -28.46 18.13 31.55
CA ARG B 259 -28.63 19.07 32.65
C ARG B 259 -27.42 20.01 32.74
N LEU B 260 -27.56 21.22 32.22
CA LEU B 260 -26.46 22.19 32.23
C LEU B 260 -26.24 22.92 33.56
N ASN B 261 -25.02 23.38 33.81
CA ASN B 261 -24.73 24.09 35.05
C ASN B 261 -24.80 23.19 36.26
N SER B 262 -25.25 21.96 36.03
CA SER B 262 -25.39 20.98 37.08
C SER B 262 -24.08 20.20 37.29
N ARG B 263 -23.08 20.87 37.89
CA ARG B 263 -21.77 20.28 38.16
C ARG B 263 -21.83 19.21 39.26
N VAL B 264 -21.22 18.06 39.00
CA VAL B 264 -21.18 16.97 39.96
C VAL B 264 -20.20 17.27 41.08
N LEU B 265 -20.67 17.16 42.32
CA LEU B 265 -19.85 17.42 43.49
C LEU B 265 -19.44 16.14 44.22
N GLU B 266 -20.41 15.27 44.45
CA GLU B 266 -20.15 14.02 45.14
C GLU B 266 -20.79 12.79 44.49
N LEU B 267 -20.15 11.65 44.71
CA LEU B 267 -20.65 10.38 44.20
C LEU B 267 -20.83 9.49 45.42
N SER B 268 -21.74 8.54 45.31
CA SER B 268 -22.03 7.63 46.41
C SER B 268 -22.66 6.35 45.86
N CYS B 269 -22.06 5.22 46.19
CA CYS B 269 -22.59 3.94 45.75
C CYS B 269 -22.88 3.09 46.99
N SER B 270 -24.09 2.54 47.02
CA SER B 270 -24.52 1.69 48.12
C SER B 270 -24.66 0.27 47.59
N CYS B 271 -24.28 -0.71 48.40
CA CYS B 271 -24.36 -2.09 47.99
C CYS B 271 -25.31 -2.87 48.89
N THR B 272 -25.02 -4.14 49.11
CA THR B 272 -25.86 -4.99 49.97
C THR B 272 -27.35 -4.70 49.82
N GLU B 273 -28.10 -4.92 50.89
CA GLU B 273 -29.54 -4.69 50.92
C GLU B 273 -30.28 -5.76 50.14
N ASP B 274 -31.45 -5.39 49.61
CA ASP B 274 -32.27 -6.32 48.83
C ASP B 274 -32.38 -5.89 47.37
N SER B 275 -31.53 -6.46 46.53
CA SER B 275 -31.52 -6.14 45.10
C SER B 275 -30.38 -6.86 44.40
N ALA B 276 -29.42 -6.09 43.91
CA ALA B 276 -28.26 -6.64 43.22
C ALA B 276 -27.27 -5.53 42.86
N ILE B 277 -26.95 -5.41 41.57
CA ILE B 277 -26.02 -4.38 41.11
C ILE B 277 -26.10 -3.17 42.01
N ASP B 278 -24.94 -2.77 42.55
CA ASP B 278 -24.85 -1.64 43.46
C ASP B 278 -25.60 -0.38 42.99
N SER B 279 -25.58 0.64 43.83
CA SER B 279 -26.25 1.90 43.55
C SER B 279 -25.24 2.96 43.13
N TRP B 280 -25.76 4.15 42.88
CA TRP B 280 -24.95 5.29 42.47
C TRP B 280 -25.81 6.53 42.62
N SER B 281 -25.39 7.45 43.48
CA SER B 281 -26.17 8.67 43.69
C SER B 281 -25.30 9.90 43.45
N ILE B 282 -25.82 10.83 42.65
CA ILE B 282 -25.06 12.03 42.35
C ILE B 282 -25.54 13.29 43.05
N ILE B 283 -24.59 14.03 43.62
CA ILE B 283 -24.89 15.27 44.30
C ILE B 283 -24.29 16.40 43.47
N SER B 284 -25.10 16.97 42.57
CA SER B 284 -24.66 18.07 41.72
C SER B 284 -25.25 19.35 42.26
N ALA B 285 -24.52 20.45 42.10
CA ALA B 285 -24.99 21.74 42.60
C ALA B 285 -25.93 22.43 41.61
N SER B 286 -26.25 23.67 41.92
CA SER B 286 -27.13 24.51 41.09
C SER B 286 -27.02 25.97 41.57
N PRO B 287 -27.40 26.90 40.71
CA PRO B 287 -27.34 28.32 41.04
C PRO B 287 -28.73 28.96 40.95
N HIS B 288 -29.56 28.40 40.07
CA HIS B 288 -30.91 28.88 39.87
C HIS B 288 -31.86 28.00 40.68
N LYS B 289 -31.28 27.16 41.54
CA LYS B 289 -32.05 26.25 42.37
C LYS B 289 -31.56 26.24 43.81
N ARG B 290 -30.36 26.75 44.03
CA ARG B 290 -29.76 26.82 45.37
C ARG B 290 -29.61 25.44 45.99
N GLN B 291 -28.89 25.38 47.12
CA GLN B 291 -28.66 24.13 47.83
C GLN B 291 -27.97 23.12 46.92
N SER B 292 -28.64 21.99 46.68
CA SER B 292 -28.10 20.94 45.83
C SER B 292 -29.22 20.01 45.38
N GLU B 293 -28.87 18.75 45.10
CA GLU B 293 -29.84 17.75 44.66
C GLU B 293 -29.19 16.37 44.50
N GLU B 294 -30.01 15.33 44.51
CA GLU B 294 -29.50 13.97 44.35
C GLU B 294 -30.34 13.12 43.40
N GLU B 295 -29.79 11.99 43.01
CA GLU B 295 -30.45 11.03 42.11
C GLU B 295 -29.69 9.70 42.16
N SER B 296 -30.40 8.61 41.92
CA SER B 296 -29.81 7.27 41.96
C SER B 296 -29.68 6.63 40.57
N PHE B 297 -28.54 6.00 40.29
CA PHE B 297 -28.31 5.35 38.99
C PHE B 297 -27.74 3.93 39.11
N ASP B 298 -27.64 3.23 37.99
CA ASP B 298 -27.09 1.88 37.99
C ASP B 298 -25.64 1.83 37.51
N ALA B 299 -25.27 2.78 36.67
CA ALA B 299 -23.91 2.86 36.14
C ALA B 299 -23.57 4.34 36.01
N VAL B 300 -22.29 4.65 35.96
CA VAL B 300 -21.84 6.03 35.88
C VAL B 300 -20.62 6.14 35.00
N ILE B 301 -20.71 6.90 33.90
CA ILE B 301 -19.56 7.06 33.02
C ILE B 301 -18.89 8.39 33.33
N THR B 303 -16.33 11.34 32.66
CA THR B 303 -15.83 11.97 31.44
C THR B 303 -15.06 13.26 31.71
N ALA B 304 -15.19 13.77 32.93
CA ALA B 304 -14.47 14.99 33.29
C ALA B 304 -13.00 14.65 33.36
N PRO B 305 -12.14 15.67 33.26
CA PRO B 305 -10.69 15.42 33.33
C PRO B 305 -10.27 14.88 34.69
N LEU B 306 -9.20 14.09 34.70
CA LEU B 306 -8.68 13.48 35.93
C LEU B 306 -8.41 14.50 37.03
N CYS B 307 -8.12 15.74 36.65
CA CYS B 307 -7.84 16.77 37.65
C CYS B 307 -9.14 17.23 38.28
N ASP B 308 -10.26 16.87 37.68
CA ASP B 308 -11.55 17.27 38.22
C ASP B 308 -12.15 16.13 39.04
N VAL B 309 -11.77 14.90 38.70
CA VAL B 309 -12.25 13.72 39.43
C VAL B 309 -11.72 13.83 40.86
N LYS B 310 -10.52 14.39 41.01
CA LYS B 310 -9.90 14.55 42.32
C LYS B 310 -10.75 15.44 43.24
N SER B 311 -11.24 16.55 42.71
CA SER B 311 -12.05 17.48 43.51
C SER B 311 -13.49 17.00 43.62
N LYS B 313 -15.90 14.59 45.93
CA LYS B 313 -16.11 13.82 47.15
C LYS B 313 -16.82 12.50 46.81
N ILE B 314 -16.03 11.44 46.68
CA ILE B 314 -16.56 10.12 46.35
C ILE B 314 -16.34 9.12 47.51
N ALA B 315 -17.35 8.29 47.77
CA ALA B 315 -17.28 7.32 48.87
C ALA B 315 -17.79 5.92 48.47
N LYS B 316 -17.26 4.90 49.12
CA LYS B 316 -17.66 3.52 48.84
C LYS B 316 -18.95 3.13 49.58
N ARG B 317 -18.83 2.21 50.55
CA ARG B 317 -19.98 1.75 51.34
C ARG B 317 -20.57 2.90 52.14
N GLY B 318 -19.92 3.21 53.25
CA GLY B 318 -20.37 4.30 54.11
C GLY B 318 -19.20 5.24 54.34
N ASN B 319 -18.00 4.66 54.33
CA ASN B 319 -16.77 5.42 54.52
C ASN B 319 -16.25 5.88 53.16
N PRO B 320 -15.68 7.10 53.11
CA PRO B 320 -15.10 7.74 51.92
C PRO B 320 -14.16 6.89 51.08
N PHE B 321 -13.43 7.56 50.21
CA PHE B 321 -12.48 6.91 49.32
C PHE B 321 -11.20 7.73 49.37
N LEU B 322 -11.31 8.93 49.91
CA LEU B 322 -10.19 9.85 50.02
C LEU B 322 -9.43 10.00 48.72
N LEU B 323 -8.32 10.74 48.75
CA LEU B 323 -7.52 10.96 47.56
C LEU B 323 -6.26 11.78 47.82
N ASN B 324 -5.69 11.62 49.02
CA ASN B 324 -4.49 12.35 49.37
C ASN B 324 -3.27 11.79 48.63
N PHE B 325 -3.50 11.27 47.43
CA PHE B 325 -2.41 10.71 46.63
C PHE B 325 -2.76 10.47 45.16
N ILE B 326 -3.68 11.26 44.62
CA ILE B 326 -4.08 11.12 43.22
C ILE B 326 -2.91 11.53 42.31
N PRO B 327 -2.79 10.90 41.13
CA PRO B 327 -1.72 11.17 40.16
C PRO B 327 -1.62 12.60 39.60
N GLU B 328 -1.99 13.60 40.41
CA GLU B 328 -1.95 15.02 40.00
C GLU B 328 -1.31 15.26 38.64
N VAL B 329 -2.08 15.01 37.58
CA VAL B 329 -1.62 15.20 36.21
C VAL B 329 -1.53 16.69 35.88
N ASP B 330 -0.48 17.08 35.16
CA ASP B 330 -0.32 18.49 34.79
C ASP B 330 -1.02 18.78 33.46
N TYR B 331 -1.16 20.05 33.10
CA TYR B 331 -1.85 20.42 31.87
C TYR B 331 -1.18 21.49 31.04
N VAL B 332 -1.42 21.44 29.74
CA VAL B 332 -0.85 22.45 28.85
C VAL B 332 -1.86 23.56 28.74
N PRO B 333 -1.52 24.75 29.27
CA PRO B 333 -2.36 25.94 29.24
C PRO B 333 -2.15 26.71 27.93
N LEU B 334 -3.20 27.30 27.40
CA LEU B 334 -3.04 28.05 26.15
C LEU B 334 -4.31 28.74 25.71
N SER B 335 -4.18 29.84 24.98
CA SER B 335 -5.39 30.51 24.51
C SER B 335 -5.48 30.59 23.00
N VAL B 336 -6.70 30.49 22.49
CA VAL B 336 -6.99 30.57 21.05
C VAL B 336 -7.31 32.00 20.72
N VAL B 337 -6.40 32.67 20.04
CA VAL B 337 -6.64 34.06 19.67
C VAL B 337 -7.13 34.16 18.22
N ILE B 338 -8.14 34.99 18.00
CA ILE B 338 -8.66 35.19 16.65
C ILE B 338 -8.36 36.62 16.16
N THR B 339 -7.85 36.74 14.94
CA THR B 339 -7.59 38.07 14.39
C THR B 339 -8.07 38.07 12.95
N THR B 340 -8.16 39.25 12.36
CA THR B 340 -8.62 39.31 11.00
C THR B 340 -8.00 40.49 10.27
N PHE B 341 -7.14 40.26 9.28
CA PHE B 341 -6.54 41.38 8.56
C PHE B 341 -7.14 41.52 7.16
N LYS B 342 -7.24 42.77 6.68
CA LYS B 342 -7.76 42.99 5.35
C LYS B 342 -6.69 42.44 4.43
N ARG B 343 -7.08 41.64 3.43
CA ARG B 343 -6.12 41.05 2.51
C ARG B 343 -5.11 42.04 1.96
N GLU B 344 -5.56 43.27 1.71
CA GLU B 344 -4.67 44.31 1.22
C GLU B 344 -3.47 44.58 2.14
N ASN B 345 -3.52 44.12 3.38
CA ASN B 345 -2.41 44.36 4.31
C ASN B 345 -1.56 43.14 4.67
N VAL B 346 -1.82 42.02 4.01
CA VAL B 346 -1.04 40.81 4.25
C VAL B 346 -0.07 40.70 3.07
N LYS B 347 1.15 41.17 3.27
CA LYS B 347 2.16 41.15 2.21
C LYS B 347 2.52 39.79 1.66
N TYR B 348 2.97 38.88 2.52
CA TYR B 348 3.41 37.56 2.07
C TYR B 348 2.52 36.39 2.48
N PRO B 349 1.31 36.30 1.92
CA PRO B 349 0.39 35.20 2.24
C PRO B 349 0.98 33.86 1.83
N LEU B 350 0.57 32.80 2.51
CA LEU B 350 1.04 31.46 2.18
C LEU B 350 -0.19 30.61 1.93
N GLU B 351 -0.06 29.67 1.00
CA GLU B 351 -1.17 28.79 0.68
C GLU B 351 -1.01 27.55 1.52
N GLY B 352 -2.11 27.08 2.11
CA GLY B 352 -2.05 25.89 2.92
C GLY B 352 -2.95 25.94 4.14
N PHE B 353 -2.66 25.09 5.13
CA PHE B 353 -3.47 25.03 6.34
C PHE B 353 -2.94 25.94 7.43
N GLY B 354 -1.61 26.06 7.53
CA GLY B 354 -1.08 26.94 8.54
C GLY B 354 0.42 26.94 8.71
N VAL B 355 0.85 27.35 9.89
CA VAL B 355 2.27 27.41 10.22
C VAL B 355 2.43 26.96 11.66
N LEU B 356 3.51 26.22 11.91
CA LEU B 356 3.83 25.70 13.22
C LEU B 356 5.11 26.38 13.67
N VAL B 357 5.20 26.75 14.93
CA VAL B 357 6.38 27.42 15.40
C VAL B 357 7.20 26.56 16.33
N PRO B 358 8.31 26.03 15.84
CA PRO B 358 9.16 25.18 16.67
C PRO B 358 9.59 26.01 17.88
N SER B 359 9.51 25.40 19.06
CA SER B 359 9.90 26.06 20.29
C SER B 359 11.25 26.74 20.20
N LYS B 360 12.12 26.21 19.36
CA LYS B 360 13.45 26.79 19.18
C LYS B 360 13.40 28.13 18.47
N GLU B 361 12.25 28.44 17.87
CA GLU B 361 12.11 29.70 17.16
C GLU B 361 11.85 30.91 18.07
N GLN B 362 11.83 30.68 19.37
CA GLN B 362 11.60 31.78 20.29
C GLN B 362 12.84 32.68 20.24
N GLN B 363 13.99 32.08 20.03
CA GLN B 363 15.23 32.84 19.96
C GLN B 363 15.28 33.61 18.64
N HIS B 364 14.14 33.73 17.97
CA HIS B 364 14.03 34.44 16.69
C HIS B 364 12.85 35.41 16.66
N GLY B 365 12.23 35.63 17.82
CA GLY B 365 11.14 36.58 17.87
C GLY B 365 9.73 36.03 17.76
N LEU B 366 9.61 34.75 17.41
CA LEU B 366 8.29 34.15 17.32
C LEU B 366 7.90 33.66 18.70
N LYS B 367 6.84 34.25 19.26
CA LYS B 367 6.38 33.87 20.59
C LYS B 367 5.15 32.96 20.62
N THR B 368 4.51 32.75 19.48
CA THR B 368 3.33 31.90 19.40
C THR B 368 3.68 30.43 19.11
N LEU B 369 2.65 29.57 19.10
CA LEU B 369 2.83 28.12 18.87
C LEU B 369 2.54 27.76 17.42
N GLY B 370 1.65 28.51 16.79
CA GLY B 370 1.30 28.23 15.42
C GLY B 370 -0.02 28.91 15.13
N THR B 371 -0.35 29.06 13.85
CA THR B 371 -1.60 29.70 13.51
C THR B 371 -2.21 29.06 12.27
N LEU B 372 -3.52 28.88 12.30
CA LEU B 372 -4.26 28.29 11.20
C LEU B 372 -4.71 29.34 10.20
N PHE B 373 -4.82 28.94 8.94
CA PHE B 373 -5.28 29.83 7.89
C PHE B 373 -6.76 29.52 7.71
N SER B 374 -7.52 29.95 8.71
CA SER B 374 -8.96 29.73 8.81
C SER B 374 -9.85 30.06 7.62
N SER B 375 -9.77 31.29 7.11
CA SER B 375 -10.61 31.67 5.97
C SER B 375 -10.12 31.03 4.68
N PHE B 378 -11.52 27.48 5.01
CA PHE B 378 -12.96 27.62 4.97
C PHE B 378 -13.26 29.07 4.65
N PRO B 379 -13.27 29.43 3.35
CA PRO B 379 -13.56 30.82 2.97
C PRO B 379 -14.96 31.35 3.35
N ASP B 380 -15.87 30.46 3.75
CA ASP B 380 -17.20 30.90 4.13
C ASP B 380 -17.17 31.50 5.53
N ARG B 381 -16.10 31.20 6.27
CA ARG B 381 -15.97 31.69 7.62
C ARG B 381 -15.65 33.18 7.72
N ALA B 382 -15.56 33.88 6.59
CA ALA B 382 -15.26 35.32 6.64
C ALA B 382 -15.39 36.05 5.29
N PRO B 383 -15.55 37.39 5.33
CA PRO B 383 -15.67 38.21 4.12
C PRO B 383 -14.48 37.97 3.18
N ASN B 384 -14.78 37.87 1.89
CA ASN B 384 -13.75 37.62 0.89
C ASN B 384 -12.64 38.66 0.77
N ASN B 385 -12.76 39.77 1.48
CA ASN B 385 -11.71 40.81 1.42
C ASN B 385 -10.89 40.84 2.70
N VAL B 386 -10.89 39.74 3.43
CA VAL B 386 -10.13 39.67 4.68
C VAL B 386 -9.57 38.26 4.93
N TYR B 387 -8.65 38.16 5.88
CA TYR B 387 -8.06 36.88 6.23
C TYR B 387 -8.37 36.61 7.69
N LEU B 388 -8.92 35.43 7.97
CA LEU B 388 -9.21 35.06 9.35
C LEU B 388 -8.10 34.13 9.86
N TYR B 389 -7.36 34.58 10.88
CA TYR B 389 -6.26 33.78 11.42
C TYR B 389 -6.50 33.28 12.85
N THR B 390 -6.42 31.96 13.04
CA THR B 390 -6.61 31.36 14.36
C THR B 390 -5.22 31.04 14.93
N THR B 391 -4.78 31.81 15.92
CA THR B 391 -3.48 31.59 16.52
C THR B 391 -3.53 31.05 17.95
N PHE B 392 -2.63 30.12 18.25
CA PHE B 392 -2.58 29.52 19.57
C PHE B 392 -1.36 30.08 20.29
N VAL B 393 -1.58 30.63 21.48
CA VAL B 393 -0.51 31.23 22.28
C VAL B 393 -0.37 30.54 23.63
N GLY B 394 0.84 30.54 24.17
CA GLY B 394 1.09 29.92 25.46
C GLY B 394 1.80 28.58 25.37
N GLY B 395 1.12 27.52 25.83
CA GLY B 395 1.71 26.20 25.80
C GLY B 395 2.85 26.03 26.78
N SER B 396 3.35 24.81 26.90
CA SER B 396 4.44 24.50 27.81
C SER B 396 5.64 25.42 27.67
N ARG B 397 5.94 25.87 26.47
CA ARG B 397 7.10 26.74 26.28
C ARG B 397 6.91 28.11 26.90
N ASN B 398 5.68 28.44 27.26
CA ASN B 398 5.42 29.74 27.86
C ASN B 398 4.00 29.85 28.44
N ARG B 399 3.86 29.38 29.68
CA ARG B 399 2.61 29.35 30.41
C ARG B 399 2.05 30.72 30.75
N GLU B 400 2.91 31.60 31.20
CA GLU B 400 2.48 32.94 31.57
C GLU B 400 2.23 33.83 30.38
N LEU B 401 1.85 33.23 29.26
CA LEU B 401 1.57 34.02 28.07
C LEU B 401 0.13 33.71 27.67
N ALA B 402 -0.33 32.54 28.05
CA ALA B 402 -1.68 32.11 27.75
C ALA B 402 -2.67 32.92 28.58
N LYS B 403 -2.17 33.49 29.68
CA LYS B 403 -2.98 34.28 30.60
C LYS B 403 -2.86 35.79 30.41
N ALA B 404 -2.24 36.21 29.31
CA ALA B 404 -2.07 37.64 29.03
C ALA B 404 -3.40 38.28 28.70
N SER B 405 -3.44 39.61 28.80
CA SER B 405 -4.67 40.37 28.51
C SER B 405 -4.95 40.32 27.02
N ARG B 406 -6.21 40.45 26.64
CA ARG B 406 -6.50 40.39 25.22
C ARG B 406 -5.61 41.39 24.48
N THR B 407 -5.27 42.51 25.13
CA THR B 407 -4.41 43.50 24.49
C THR B 407 -3.04 42.89 24.27
N GLU B 408 -2.36 42.51 25.35
CA GLU B 408 -1.04 41.91 25.22
C GLU B 408 -1.07 40.76 24.20
N LEU B 409 -2.17 40.00 24.19
CA LEU B 409 -2.31 38.89 23.25
C LEU B 409 -2.45 39.40 21.83
N LYS B 410 -3.15 40.53 21.67
CA LYS B 410 -3.34 41.12 20.34
C LYS B 410 -1.99 41.52 19.75
N GLU B 411 -1.09 42.03 20.57
CA GLU B 411 0.22 42.41 20.07
C GLU B 411 1.06 41.19 19.72
N ILE B 412 1.16 40.22 20.64
CA ILE B 412 1.92 38.98 20.44
C ILE B 412 1.55 38.33 19.10
N VAL B 413 0.26 38.14 18.88
CA VAL B 413 -0.19 37.54 17.64
C VAL B 413 0.24 38.39 16.45
N THR B 414 -0.02 39.69 16.52
CA THR B 414 0.35 40.58 15.43
C THR B 414 1.84 40.53 15.12
N SER B 415 2.65 40.55 16.16
CA SER B 415 4.08 40.54 15.98
C SER B 415 4.56 39.37 15.14
N ASP B 416 4.05 38.18 15.45
CA ASP B 416 4.41 36.97 14.73
C ASP B 416 3.84 36.92 13.32
N LEU B 417 2.59 37.36 13.17
CA LEU B 417 1.97 37.37 11.86
C LEU B 417 2.66 38.32 10.90
N LYS B 418 3.24 39.38 11.45
CA LYS B 418 3.94 40.34 10.61
C LYS B 418 5.16 39.59 10.07
N GLN B 419 6.02 39.16 10.99
CA GLN B 419 7.24 38.45 10.64
C GLN B 419 7.02 37.16 9.84
N LEU B 420 5.86 36.53 9.98
CA LEU B 420 5.63 35.29 9.27
C LEU B 420 4.91 35.48 7.95
N LEU B 421 3.86 36.28 7.96
CA LEU B 421 3.11 36.53 6.73
C LEU B 421 3.21 37.95 6.19
N GLY B 422 4.01 38.79 6.82
CA GLY B 422 4.10 40.18 6.38
C GLY B 422 2.74 40.83 6.64
N ALA B 423 2.25 40.72 7.88
CA ALA B 423 0.97 41.31 8.23
C ALA B 423 1.23 42.75 8.63
N GLU B 424 0.50 43.68 8.01
CA GLU B 424 0.66 45.09 8.27
C GLU B 424 -0.44 45.73 9.13
N GLY B 425 -0.02 46.41 10.19
CA GLY B 425 -0.96 47.09 11.07
C GLY B 425 -1.64 46.23 12.11
N GLU B 426 -2.75 46.75 12.66
CA GLU B 426 -3.51 46.05 13.67
C GLU B 426 -4.55 45.10 13.08
N PRO B 427 -4.90 44.05 13.81
CA PRO B 427 -5.84 43.00 13.48
C PRO B 427 -7.25 43.32 12.94
N THR B 428 -7.68 44.58 12.91
CA THR B 428 -9.02 44.86 12.40
C THR B 428 -10.12 44.25 13.30
N TYR B 429 -9.76 43.26 14.10
CA TYR B 429 -10.69 42.58 15.01
C TYR B 429 -9.93 41.59 15.87
N VAL B 430 -10.28 41.48 17.15
CA VAL B 430 -9.59 40.53 18.02
C VAL B 430 -10.51 39.93 19.07
N ASN B 431 -10.34 38.65 19.32
CA ASN B 431 -11.13 37.94 20.31
C ASN B 431 -10.29 36.74 20.73
N HIS B 432 -10.66 36.09 21.82
CA HIS B 432 -9.89 34.94 22.25
C HIS B 432 -10.55 34.28 23.43
N LEU B 433 -10.16 33.02 23.65
CA LEU B 433 -10.65 32.26 24.77
C LEU B 433 -9.43 31.67 25.44
N TYR B 434 -9.41 31.64 26.76
CA TYR B 434 -8.26 31.10 27.50
C TYR B 434 -8.56 29.80 28.21
N TRP B 435 -7.85 28.76 27.83
CA TRP B 435 -8.03 27.47 28.48
C TRP B 435 -6.84 27.30 29.43
N SER B 436 -7.11 27.15 30.72
CA SER B 436 -6.02 26.98 31.69
C SER B 436 -5.54 25.53 31.67
N LYS B 437 -6.38 24.64 31.15
CA LYS B 437 -6.01 23.23 31.08
C LYS B 437 -6.46 22.66 29.75
N ALA B 438 -5.85 23.15 28.69
CA ALA B 438 -6.18 22.73 27.34
C ALA B 438 -6.00 21.24 27.09
N PHE B 439 -4.81 20.73 27.34
CA PHE B 439 -4.56 19.32 27.10
C PHE B 439 -3.88 18.62 28.26
N PRO B 440 -4.15 17.32 28.42
CA PRO B 440 -3.59 16.46 29.46
C PRO B 440 -2.15 16.24 29.06
N LEU B 441 -1.23 16.44 29.99
CA LEU B 441 0.16 16.24 29.66
C LEU B 441 0.59 14.81 30.01
N TYR B 442 0.70 13.98 28.98
CA TYR B 442 1.15 12.59 29.12
C TYR B 442 2.63 12.64 29.48
N GLY B 443 2.94 12.88 30.75
CA GLY B 443 4.33 12.96 31.16
C GLY B 443 5.03 11.66 31.52
N HIS B 444 5.97 11.75 32.45
CA HIS B 444 6.74 10.60 32.90
C HIS B 444 5.88 9.56 33.63
N ASN B 445 5.32 9.96 34.76
CA ASN B 445 4.48 9.06 35.56
C ASN B 445 3.12 8.77 34.93
N TYR B 446 3.03 8.84 33.60
CA TYR B 446 1.75 8.57 32.97
C TYR B 446 1.50 7.07 32.86
N ASP B 447 2.53 6.29 33.14
CA ASP B 447 2.43 4.83 33.11
C ASP B 447 1.64 4.41 34.34
N SER B 448 1.75 5.22 35.39
CA SER B 448 1.06 4.96 36.64
C SER B 448 -0.37 5.56 36.64
N VAL B 449 -0.55 6.69 35.96
CA VAL B 449 -1.87 7.33 35.90
C VAL B 449 -2.89 6.31 35.41
N LEU B 450 -2.60 5.68 34.27
CA LEU B 450 -3.50 4.68 33.70
C LEU B 450 -3.85 3.59 34.72
N ASP B 451 -2.88 3.23 35.57
CA ASP B 451 -3.06 2.22 36.60
C ASP B 451 -4.16 2.63 37.59
N ALA B 452 -4.16 3.90 37.97
CA ALA B 452 -5.14 4.43 38.91
C ALA B 452 -6.54 4.42 38.32
N ILE B 453 -6.64 4.85 37.06
CA ILE B 453 -7.92 4.87 36.36
C ILE B 453 -8.52 3.47 36.35
N ASP B 454 -7.64 2.48 36.20
CA ASP B 454 -8.07 1.09 36.20
C ASP B 454 -8.36 0.64 37.63
N LYS B 455 -7.54 1.09 38.57
CA LYS B 455 -7.74 0.72 39.97
C LYS B 455 -9.10 1.22 40.41
N GLU B 457 -11.69 1.90 38.48
CA GLU B 457 -12.71 1.13 37.76
C GLU B 457 -12.90 -0.31 38.26
N LYS B 458 -11.80 -1.05 38.43
CA LYS B 458 -11.86 -2.42 38.93
C LYS B 458 -12.38 -2.39 40.37
N ASN B 459 -12.16 -1.27 41.04
CA ASN B 459 -12.63 -1.07 42.41
C ASN B 459 -14.13 -0.79 42.36
N LEU B 460 -14.49 0.49 42.38
CA LEU B 460 -15.87 0.95 42.33
C LEU B 460 -16.60 0.40 41.11
N PRO B 461 -17.39 -0.68 41.29
CA PRO B 461 -18.14 -1.31 40.20
C PRO B 461 -19.19 -0.40 39.55
N GLY B 462 -19.40 -0.59 38.26
CA GLY B 462 -20.38 0.22 37.54
C GLY B 462 -19.81 1.53 37.00
N LEU B 463 -18.82 2.07 37.71
CA LEU B 463 -18.18 3.31 37.31
C LEU B 463 -17.14 3.08 36.22
N PHE B 464 -17.32 3.76 35.08
CA PHE B 464 -16.37 3.63 33.97
C PHE B 464 -15.84 5.00 33.56
N TYR B 465 -14.53 5.13 33.49
CA TYR B 465 -13.92 6.38 33.10
C TYR B 465 -13.74 6.31 31.60
N ALA B 466 -13.87 7.46 30.93
CA ALA B 466 -13.71 7.53 29.49
C ALA B 466 -13.31 8.93 29.05
N GLY B 467 -12.44 9.57 29.84
CA GLY B 467 -11.97 10.91 29.50
C GLY B 467 -11.09 10.88 28.26
N ASN B 468 -10.07 11.72 28.24
CA ASN B 468 -9.14 11.76 27.10
C ASN B 468 -7.72 11.65 27.65
N HIS B 469 -7.64 11.31 28.93
CA HIS B 469 -6.37 11.13 29.61
C HIS B 469 -5.92 9.69 29.37
N ARG B 470 -6.77 8.94 28.68
CA ARG B 470 -6.48 7.54 28.39
C ARG B 470 -6.25 7.33 26.88
N GLY B 471 -7.34 7.15 26.14
CA GLY B 471 -7.26 6.89 24.70
C GLY B 471 -6.40 7.77 23.79
N GLY B 472 -6.27 9.05 24.13
CA GLY B 472 -5.47 9.94 23.30
C GLY B 472 -6.20 11.27 23.15
N LEU B 473 -5.45 12.35 22.99
CA LEU B 473 -6.07 13.67 22.88
C LEU B 473 -6.43 14.14 21.46
N SER B 474 -7.63 13.79 21.02
CA SER B 474 -8.12 14.18 19.70
C SER B 474 -9.61 13.87 19.64
N VAL B 475 -10.39 14.77 19.04
CA VAL B 475 -11.83 14.56 18.94
C VAL B 475 -12.16 13.11 18.62
N GLY B 476 -11.55 12.59 17.55
CA GLY B 476 -11.78 11.22 17.13
C GLY B 476 -11.62 10.19 18.23
N LYS B 477 -10.50 10.24 18.94
CA LYS B 477 -10.23 9.29 20.01
C LYS B 477 -11.24 9.38 21.13
N ALA B 478 -11.36 10.54 21.75
CA ALA B 478 -12.31 10.71 22.86
C ALA B 478 -13.71 10.26 22.46
N LEU B 479 -14.06 10.49 21.21
CA LEU B 479 -15.37 10.08 20.73
C LEU B 479 -15.48 8.57 20.88
N SER B 480 -14.40 7.87 20.53
CA SER B 480 -14.34 6.42 20.63
C SER B 480 -14.37 5.94 22.07
N SER B 481 -13.61 6.59 22.95
CA SER B 481 -13.59 6.19 24.33
C SER B 481 -14.97 6.36 24.92
N GLY B 482 -15.76 7.25 24.35
CA GLY B 482 -17.10 7.48 24.83
C GLY B 482 -18.00 6.32 24.44
N CYS B 483 -17.93 5.93 23.17
CA CYS B 483 -18.72 4.81 22.64
C CYS B 483 -18.36 3.53 23.39
N ASN B 484 -17.07 3.25 23.42
CA ASN B 484 -16.57 2.05 24.07
C ASN B 484 -16.92 2.04 25.55
N ALA B 485 -17.17 3.21 26.14
CA ALA B 485 -17.53 3.27 27.54
C ALA B 485 -18.99 2.86 27.67
N ALA B 486 -19.80 3.33 26.73
CA ALA B 486 -21.24 3.03 26.73
C ALA B 486 -21.56 1.53 26.71
N ASP B 487 -21.01 0.80 25.74
CA ASP B 487 -21.29 -0.64 25.67
C ASP B 487 -20.52 -1.45 26.70
N LEU B 488 -19.67 -0.78 27.46
CA LEU B 488 -18.95 -1.45 28.53
C LEU B 488 -20.01 -1.44 29.62
N VAL B 489 -20.67 -0.30 29.76
CA VAL B 489 -21.72 -0.15 30.74
C VAL B 489 -22.79 -1.17 30.39
N ILE B 490 -23.12 -1.25 29.10
CA ILE B 490 -24.14 -2.19 28.64
C ILE B 490 -23.81 -3.61 29.04
N SER B 491 -22.53 -3.94 29.09
CA SER B 491 -22.11 -5.29 29.49
C SER B 491 -22.35 -5.44 30.99
N TYR B 492 -21.99 -4.41 31.76
CA TYR B 492 -22.21 -4.43 33.19
C TYR B 492 -23.72 -4.45 33.42
N LEU B 493 -24.45 -3.72 32.56
CA LEU B 493 -25.91 -3.67 32.63
C LEU B 493 -26.39 -5.12 32.60
N GLU B 494 -25.67 -5.91 31.81
CA GLU B 494 -25.94 -7.34 31.67
C GLU B 494 -24.95 -8.08 32.56
N SER B 495 -24.38 -9.18 32.04
CA SER B 495 -23.43 -9.97 32.79
C SER B 495 -24.00 -10.33 34.17
N VAL B 496 -25.31 -10.15 34.31
CA VAL B 496 -26.02 -10.44 35.56
C VAL B 496 -26.83 -11.74 35.39
N SER B 497 -26.11 -12.85 35.18
CA SER B 497 -26.71 -14.16 34.98
C SER B 497 -27.68 -14.14 33.80
#